data_7MK7
#
_entry.id   7MK7
#
_cell.length_a   53.569
_cell.length_b   56.775
_cell.length_c   94.408
_cell.angle_alpha   75.598
_cell.angle_beta   77.348
_cell.angle_gamma   61.785
#
_symmetry.space_group_name_H-M   'P 1'
#
loop_
_entity.id
_entity.type
_entity.pdbx_description
1 polymer 'ALK and LTK ligand 1,Maltodextrin-binding protein'
2 branched alpha-D-glucopyranose-(1-4)-alpha-D-glucopyranose
3 water water
#
_entity_poly.entity_id   1
_entity_poly.type   'polypeptide(L)'
_entity_poly.pdbx_seq_one_letter_code
;SRSAEIFPRDSNLKDKFIKHFTGPVTFSPECSKHFHRLYYNTRECSTPAYYKRCARLLTRLAVSPLCSQTKLVIWINGDK
GYNGLAEVGKKFEKDTGIKVTVEHPDKLEEKFPQVAATGDGPDIIFWAHDRFGGYAQSGLLAEITPAAAFQDKLYPFTWD
AVRYNGKLIAYPIAVEALSLIYNKDLLPNPPKTWEEIPALDKELKAKGKSALMFNLQEPYFTWPLIAADGGYAFKYAAGK
YDIKDVGVDNAGAKAGLTFLVDLIKNKHMNADTDYSIAEHAFNHGETAMTINGPWAWSNIDTSAVNYGVTVLPTFKGQPS
KPFVGVLSAGINAASPNKELAKEFLENYLLTDEGLEAVNKDKPLGAVALKSYEEELVKDPRVAATMENAQKGEIMPNIPQ
MSAFWYAVRTAVINAASGRQT
;
_entity_poly.pdbx_strand_id   A,B
#
loop_
_chem_comp.id
_chem_comp.type
_chem_comp.name
_chem_comp.formula
GLC D-saccharide, alpha linking alpha-D-glucopyranose 'C6 H12 O6'
#
# COMPACT_ATOMS: atom_id res chain seq x y z
N PRO A 24 -5.69 -22.66 -15.65
CA PRO A 24 -6.57 -21.81 -16.47
C PRO A 24 -7.38 -20.80 -15.63
N VAL A 25 -7.17 -19.51 -15.88
CA VAL A 25 -7.90 -18.44 -15.18
C VAL A 25 -8.45 -17.48 -16.22
N THR A 26 -9.77 -17.25 -16.19
CA THR A 26 -10.45 -16.37 -17.12
C THR A 26 -10.81 -15.06 -16.43
N PHE A 27 -10.58 -13.95 -17.12
CA PHE A 27 -10.92 -12.62 -16.63
C PHE A 27 -11.94 -11.99 -17.57
N SER A 28 -12.64 -10.98 -17.06
CA SER A 28 -13.59 -10.25 -17.89
C SER A 28 -12.85 -9.42 -18.94
N PRO A 29 -13.33 -9.41 -20.19
CA PRO A 29 -12.62 -8.65 -21.24
C PRO A 29 -12.52 -7.16 -20.95
N GLU A 30 -13.39 -6.62 -20.10
CA GLU A 30 -13.36 -5.20 -19.80
C GLU A 30 -12.14 -4.83 -18.95
N CYS A 31 -11.61 -5.79 -18.18
CA CYS A 31 -10.43 -5.50 -17.36
C CYS A 31 -9.25 -5.08 -18.22
N SER A 32 -9.01 -5.81 -19.32
CA SER A 32 -7.97 -5.39 -20.26
C SER A 32 -8.31 -4.04 -20.90
N LYS A 33 -9.58 -3.85 -21.27
CA LYS A 33 -9.99 -2.59 -21.88
C LYS A 33 -9.74 -1.40 -20.95
N HIS A 34 -10.16 -1.53 -19.68
CA HIS A 34 -9.93 -0.47 -18.71
C HIS A 34 -8.44 -0.22 -18.50
N PHE A 35 -7.64 -1.28 -18.56
CA PHE A 35 -6.21 -1.22 -18.23
C PHE A 35 -5.39 -0.59 -19.35
N HIS A 36 -5.75 -0.89 -20.60
CA HIS A 36 -5.08 -0.25 -21.73
C HIS A 36 -5.54 1.19 -21.90
N ARG A 37 -6.82 1.45 -21.61
CA ARG A 37 -7.33 2.82 -21.64
C ARG A 37 -6.71 3.66 -20.54
N LEU A 38 -6.45 3.05 -19.38
CA LEU A 38 -5.80 3.77 -18.29
C LEU A 38 -4.37 4.17 -18.65
N TYR A 39 -3.69 3.39 -19.48
CA TYR A 39 -2.31 3.71 -19.82
C TYR A 39 -2.22 4.76 -20.93
N TYR A 40 -2.90 4.52 -22.05
CA TYR A 40 -2.76 5.37 -23.23
C TYR A 40 -3.47 6.71 -23.07
N ASN A 41 -4.65 6.72 -22.45
CA ASN A 41 -5.52 7.89 -22.40
C ASN A 41 -5.19 8.85 -21.26
N THR A 42 -4.24 8.52 -20.38
CA THR A 42 -4.00 9.33 -19.19
C THR A 42 -2.82 10.26 -19.42
N ARG A 43 -3.03 11.55 -19.11
CA ARG A 43 -1.92 12.50 -19.11
C ARG A 43 -0.91 12.12 -18.03
N GLU A 44 -1.38 11.60 -16.89
CA GLU A 44 -0.48 11.18 -15.83
C GLU A 44 0.39 9.98 -16.23
N CYS A 45 -0.03 9.18 -17.20
CA CYS A 45 0.84 8.11 -17.70
C CYS A 45 1.71 8.55 -18.89
N SER A 46 1.55 9.78 -19.37
CA SER A 46 2.32 10.20 -20.54
C SER A 46 3.65 10.85 -20.17
N THR A 47 3.69 11.66 -19.11
CA THR A 47 4.94 12.36 -18.81
C THR A 47 5.60 11.78 -17.55
N PRO A 48 6.94 11.72 -17.53
CA PRO A 48 7.63 11.11 -16.38
C PRO A 48 7.38 11.78 -15.04
N ALA A 49 7.04 13.07 -15.03
CA ALA A 49 6.72 13.75 -13.77
C ALA A 49 5.61 13.03 -13.02
N TYR A 50 4.66 12.41 -13.72
CA TYR A 50 3.46 11.87 -13.11
C TYR A 50 3.43 10.35 -13.09
N TYR A 51 4.58 9.70 -13.30
CA TYR A 51 4.62 8.24 -13.30
C TYR A 51 4.16 7.65 -11.97
N LYS A 52 4.31 8.39 -10.88
CA LYS A 52 3.86 7.88 -9.58
C LYS A 52 2.35 7.82 -9.49
N ARG A 53 1.66 8.85 -10.02
CA ARG A 53 0.21 8.78 -10.10
C ARG A 53 -0.22 7.65 -11.04
N CYS A 54 0.45 7.52 -12.18
CA CYS A 54 0.15 6.44 -13.12
C CYS A 54 0.23 5.08 -12.44
N ALA A 55 1.27 4.84 -11.63
CA ALA A 55 1.40 3.57 -10.93
C ALA A 55 0.30 3.42 -9.88
N ARG A 56 -0.02 4.50 -9.16
CA ARG A 56 -1.13 4.48 -8.22
C ARG A 56 -2.42 4.04 -8.91
N LEU A 57 -2.71 4.66 -10.05
CA LEU A 57 -3.97 4.41 -10.74
C LEU A 57 -4.01 3.00 -11.31
N LEU A 58 -2.88 2.55 -11.85
CA LEU A 58 -2.79 1.18 -12.36
C LEU A 58 -2.87 0.16 -11.23
N THR A 59 -2.40 0.52 -10.03
CA THR A 59 -2.49 -0.41 -8.91
C THR A 59 -3.92 -0.52 -8.40
N ARG A 60 -4.65 0.60 -8.38
CA ARG A 60 -6.03 0.59 -7.88
C ARG A 60 -6.93 -0.21 -8.81
N LEU A 61 -6.74 -0.06 -10.12
CA LEU A 61 -7.48 -0.87 -11.07
C LEU A 61 -7.10 -2.34 -10.94
N ALA A 62 -5.81 -2.63 -10.71
CA ALA A 62 -5.34 -4.01 -10.69
C ALA A 62 -5.95 -4.81 -9.54
N VAL A 63 -6.25 -4.14 -8.41
CA VAL A 63 -6.85 -4.80 -7.25
C VAL A 63 -8.37 -4.71 -7.24
N SER A 64 -8.96 -3.92 -8.14
CA SER A 64 -10.39 -3.72 -8.14
C SER A 64 -11.11 -5.01 -8.52
N PRO A 65 -12.39 -5.14 -8.14
CA PRO A 65 -13.13 -6.36 -8.51
C PRO A 65 -13.16 -6.64 -10.01
N LEU A 66 -13.16 -5.59 -10.85
CA LEU A 66 -13.25 -5.81 -12.29
C LEU A 66 -12.11 -6.66 -12.82
N CYS A 67 -10.95 -6.63 -12.16
CA CYS A 67 -9.80 -7.38 -12.62
C CYS A 67 -9.56 -8.64 -11.80
N SER A 68 -10.56 -9.09 -11.05
CA SER A 68 -10.52 -10.41 -10.45
C SER A 68 -11.03 -11.45 -11.46
N GLN A 69 -10.69 -12.70 -11.19
CA GLN A 69 -11.14 -13.81 -12.03
C GLN A 69 -12.66 -13.94 -11.99
N THR A 70 -13.25 -14.20 -13.16
CA THR A 70 -14.70 -14.31 -13.27
C THR A 70 -15.22 -15.49 -12.46
N LYS A 71 -16.21 -15.23 -11.62
CA LYS A 71 -16.75 -16.22 -10.71
C LYS A 71 -18.25 -16.37 -10.92
N LEU A 72 -18.74 -17.58 -10.66
CA LEU A 72 -20.16 -17.82 -10.49
C LEU A 72 -20.42 -18.09 -9.01
N VAL A 73 -21.39 -17.39 -8.45
CA VAL A 73 -21.86 -17.67 -7.10
C VAL A 73 -23.18 -18.40 -7.22
N ILE A 74 -23.33 -19.48 -6.45
CA ILE A 74 -24.55 -20.27 -6.45
C ILE A 74 -25.09 -20.32 -5.03
N TRP A 75 -26.39 -20.15 -4.90
CA TRP A 75 -27.09 -20.39 -3.64
C TRP A 75 -27.95 -21.65 -3.78
N ILE A 76 -27.83 -22.54 -2.80
CA ILE A 76 -28.62 -23.77 -2.72
C ILE A 76 -28.89 -24.04 -1.25
N ASN A 77 -30.02 -24.67 -0.97
CA ASN A 77 -30.41 -24.89 0.42
C ASN A 77 -29.44 -25.87 1.08
N GLY A 78 -29.09 -25.59 2.34
CA GLY A 78 -28.08 -26.36 3.05
C GLY A 78 -28.43 -27.81 3.36
N ASP A 79 -29.57 -28.31 2.90
CA ASP A 79 -29.90 -29.73 3.05
C ASP A 79 -29.72 -30.52 1.76
N LYS A 80 -29.43 -29.85 0.64
CA LYS A 80 -29.15 -30.51 -0.63
C LYS A 80 -27.64 -30.76 -0.76
N GLY A 81 -27.27 -31.46 -1.83
CA GLY A 81 -25.88 -31.81 -2.07
C GLY A 81 -25.01 -30.68 -2.61
N TYR A 82 -24.82 -29.63 -1.81
CA TYR A 82 -23.96 -28.54 -2.27
C TYR A 82 -22.50 -28.98 -2.39
N ASN A 83 -22.08 -29.99 -1.63
CA ASN A 83 -20.71 -30.48 -1.76
C ASN A 83 -20.53 -31.24 -3.08
N GLY A 84 -21.54 -32.01 -3.49
CA GLY A 84 -21.50 -32.62 -4.80
C GLY A 84 -21.62 -31.59 -5.92
N LEU A 85 -22.49 -30.60 -5.74
CA LEU A 85 -22.63 -29.53 -6.72
C LEU A 85 -21.32 -28.79 -6.93
N ALA A 86 -20.49 -28.67 -5.88
CA ALA A 86 -19.25 -27.92 -5.98
C ALA A 86 -18.18 -28.68 -6.75
N GLU A 87 -18.17 -30.01 -6.68
CA GLU A 87 -17.23 -30.77 -7.50
C GLU A 87 -17.50 -30.54 -8.99
N VAL A 88 -18.79 -30.44 -9.37
CA VAL A 88 -19.12 -30.05 -10.74
C VAL A 88 -18.52 -28.69 -11.06
N GLY A 89 -18.65 -27.74 -10.12
CA GLY A 89 -18.05 -26.43 -10.30
C GLY A 89 -16.55 -26.47 -10.48
N LYS A 90 -15.85 -27.39 -9.81
CA LYS A 90 -14.41 -27.45 -9.97
C LYS A 90 -14.03 -28.01 -11.33
N LYS A 91 -14.87 -28.86 -11.92
CA LYS A 91 -14.62 -29.31 -13.29
C LYS A 91 -14.86 -28.19 -14.28
N PHE A 92 -15.96 -27.45 -14.11
CA PHE A 92 -16.25 -26.30 -14.94
C PHE A 92 -15.09 -25.30 -14.90
N GLU A 93 -14.42 -25.18 -13.76
CA GLU A 93 -13.25 -24.33 -13.63
C GLU A 93 -12.02 -24.95 -14.29
N LYS A 94 -11.92 -26.28 -14.29
CA LYS A 94 -10.83 -26.95 -14.99
C LYS A 94 -10.92 -26.77 -16.50
N ASP A 95 -12.14 -26.59 -17.03
CA ASP A 95 -12.34 -26.51 -18.47
C ASP A 95 -12.47 -25.09 -18.99
N THR A 96 -12.74 -24.10 -18.13
CA THR A 96 -12.99 -22.73 -18.60
C THR A 96 -12.29 -21.64 -17.80
N GLY A 97 -11.71 -21.93 -16.64
CA GLY A 97 -11.11 -20.89 -15.82
C GLY A 97 -12.08 -20.01 -15.09
N ILE A 98 -13.38 -20.30 -15.14
CA ILE A 98 -14.40 -19.53 -14.43
C ILE A 98 -14.62 -20.18 -13.07
N LYS A 99 -14.13 -19.54 -12.01
CA LYS A 99 -14.30 -20.09 -10.67
C LYS A 99 -15.77 -20.18 -10.31
N VAL A 100 -16.11 -21.17 -9.49
CA VAL A 100 -17.48 -21.46 -9.12
C VAL A 100 -17.56 -21.56 -7.60
N THR A 101 -18.39 -20.73 -6.98
CA THR A 101 -18.54 -20.70 -5.54
C THR A 101 -19.97 -21.07 -5.18
N VAL A 102 -20.13 -22.17 -4.45
CA VAL A 102 -21.44 -22.63 -3.98
C VAL A 102 -21.58 -22.22 -2.52
N GLU A 103 -22.67 -21.54 -2.21
CA GLU A 103 -22.97 -21.16 -0.83
C GLU A 103 -24.34 -21.68 -0.46
N HIS A 104 -24.58 -21.79 0.85
CA HIS A 104 -25.87 -22.22 1.39
C HIS A 104 -26.23 -21.34 2.59
N PRO A 105 -26.53 -20.06 2.34
CA PRO A 105 -26.95 -19.20 3.45
C PRO A 105 -28.34 -19.55 3.90
N ASP A 106 -28.58 -19.36 5.21
CA ASP A 106 -29.87 -19.70 5.78
C ASP A 106 -30.95 -18.76 5.28
N LYS A 107 -32.16 -19.29 5.13
CA LYS A 107 -33.32 -18.52 4.67
C LYS A 107 -32.99 -17.77 3.38
N LEU A 108 -32.23 -18.42 2.50
CA LEU A 108 -31.84 -17.83 1.23
C LEU A 108 -33.04 -17.53 0.33
N GLU A 109 -34.17 -18.21 0.54
CA GLU A 109 -35.34 -17.92 -0.28
C GLU A 109 -35.99 -16.61 0.11
N GLU A 110 -35.61 -16.06 1.26
CA GLU A 110 -36.07 -14.75 1.68
C GLU A 110 -34.99 -13.69 1.61
N LYS A 111 -33.70 -14.07 1.67
CA LYS A 111 -32.63 -13.13 1.42
C LYS A 111 -32.54 -12.73 -0.04
N PHE A 112 -32.88 -13.65 -0.96
CA PHE A 112 -32.70 -13.37 -2.38
C PHE A 112 -33.52 -12.17 -2.85
N PRO A 113 -34.84 -12.08 -2.62
CA PRO A 113 -35.57 -10.89 -3.09
C PRO A 113 -35.14 -9.59 -2.44
N GLN A 114 -34.57 -9.63 -1.23
CA GLN A 114 -34.10 -8.40 -0.58
C GLN A 114 -32.77 -7.91 -1.12
N VAL A 115 -32.09 -8.73 -1.93
CA VAL A 115 -30.66 -8.57 -2.16
C VAL A 115 -30.27 -8.63 -3.63
N ALA A 116 -31.13 -9.13 -4.52
CA ALA A 116 -30.74 -9.41 -5.89
C ALA A 116 -30.68 -8.17 -6.77
N ALA A 117 -31.54 -7.18 -6.51
CA ALA A 117 -31.49 -5.94 -7.30
C ALA A 117 -30.15 -5.23 -7.14
N THR A 118 -29.61 -5.20 -5.92
CA THR A 118 -28.26 -4.71 -5.69
C THR A 118 -27.27 -5.78 -6.15
N GLY A 119 -25.99 -5.64 -5.79
CA GLY A 119 -25.02 -6.60 -6.27
C GLY A 119 -24.62 -7.67 -5.28
N ASP A 120 -25.54 -8.03 -4.38
CA ASP A 120 -25.24 -8.96 -3.29
C ASP A 120 -25.85 -10.34 -3.51
N GLY A 121 -26.47 -10.57 -4.66
CA GLY A 121 -27.12 -11.83 -4.95
C GLY A 121 -26.18 -12.80 -5.63
N PRO A 122 -26.59 -14.05 -5.74
CA PRO A 122 -25.82 -15.03 -6.49
C PRO A 122 -26.11 -14.90 -7.98
N ASP A 123 -25.22 -15.49 -8.77
CA ASP A 123 -25.52 -15.67 -10.17
C ASP A 123 -26.56 -16.76 -10.39
N ILE A 124 -26.61 -17.78 -9.54
CA ILE A 124 -27.58 -18.87 -9.70
C ILE A 124 -28.21 -19.22 -8.36
N ILE A 125 -29.54 -19.28 -8.33
CA ILE A 125 -30.27 -19.65 -7.13
C ILE A 125 -31.01 -20.97 -7.38
N PHE A 126 -30.91 -21.88 -6.40
CA PHE A 126 -31.63 -23.15 -6.40
C PHE A 126 -32.74 -23.11 -5.36
N TRP A 127 -33.95 -23.42 -5.78
CA TRP A 127 -35.07 -23.53 -4.86
C TRP A 127 -36.19 -24.31 -5.56
N ALA A 128 -37.15 -24.77 -4.75
CA ALA A 128 -38.37 -25.33 -5.31
C ALA A 128 -39.06 -24.28 -6.17
N HIS A 129 -39.64 -24.73 -7.29
CA HIS A 129 -40.19 -23.83 -8.30
C HIS A 129 -41.22 -22.83 -7.76
N ASP A 130 -41.68 -22.96 -6.51
CA ASP A 130 -42.85 -22.20 -6.11
C ASP A 130 -42.51 -20.77 -5.70
N ARG A 131 -41.35 -20.55 -5.07
CA ARG A 131 -40.92 -19.20 -4.77
C ARG A 131 -40.61 -18.38 -6.02
N PHE A 132 -40.44 -19.06 -7.17
CA PHE A 132 -39.85 -18.42 -8.33
C PHE A 132 -40.84 -17.53 -9.08
N GLY A 133 -42.13 -17.62 -8.80
CA GLY A 133 -43.08 -16.73 -9.42
C GLY A 133 -43.02 -15.33 -8.84
N GLY A 134 -42.88 -15.22 -7.51
CA GLY A 134 -42.71 -13.91 -6.90
C GLY A 134 -41.46 -13.21 -7.39
N TYR A 135 -40.37 -13.95 -7.56
CA TYR A 135 -39.14 -13.36 -8.07
C TYR A 135 -39.33 -12.87 -9.50
N ALA A 136 -39.95 -13.68 -10.35
CA ALA A 136 -40.05 -13.34 -11.76
C ALA A 136 -41.00 -12.15 -11.98
N GLN A 137 -42.08 -12.08 -11.20
CA GLN A 137 -42.97 -10.94 -11.27
C GLN A 137 -42.28 -9.66 -10.81
N SER A 138 -41.32 -9.78 -9.89
CA SER A 138 -40.50 -8.65 -9.47
C SER A 138 -39.34 -8.38 -10.41
N GLY A 139 -39.16 -9.18 -11.46
CA GLY A 139 -38.10 -8.95 -12.44
C GLY A 139 -36.74 -9.45 -12.04
N LEU A 140 -36.62 -10.29 -11.01
CA LEU A 140 -35.33 -10.69 -10.48
C LEU A 140 -34.74 -11.92 -11.16
N LEU A 141 -35.49 -12.61 -12.03
CA LEU A 141 -34.99 -13.78 -12.74
C LEU A 141 -34.98 -13.50 -14.22
N ALA A 142 -33.91 -13.92 -14.88
CA ALA A 142 -33.81 -13.82 -16.33
C ALA A 142 -34.60 -14.93 -17.01
N GLU A 143 -35.17 -14.61 -18.17
CA GLU A 143 -35.83 -15.63 -18.99
C GLU A 143 -34.79 -16.54 -19.63
N ILE A 144 -34.93 -17.85 -19.45
CA ILE A 144 -33.89 -18.76 -19.92
C ILE A 144 -34.16 -19.15 -21.36
N THR A 145 -33.09 -19.53 -22.06
CA THR A 145 -33.12 -19.83 -23.49
C THR A 145 -32.52 -21.21 -23.77
N PRO A 146 -33.25 -22.27 -23.47
CA PRO A 146 -32.83 -23.60 -23.93
C PRO A 146 -33.26 -23.84 -25.36
N ALA A 147 -32.47 -24.64 -26.07
CA ALA A 147 -32.90 -25.08 -27.39
C ALA A 147 -34.03 -26.10 -27.25
N ALA A 148 -34.78 -26.27 -28.35
CA ALA A 148 -35.83 -27.29 -28.37
C ALA A 148 -35.27 -28.69 -28.14
N ALA A 149 -34.05 -28.96 -28.62
CA ALA A 149 -33.42 -30.24 -28.36
C ALA A 149 -33.09 -30.41 -26.89
N PHE A 150 -32.53 -29.37 -26.25
CA PHE A 150 -32.21 -29.49 -24.83
C PHE A 150 -33.45 -29.78 -24.00
N GLN A 151 -34.57 -29.12 -24.32
CA GLN A 151 -35.80 -29.31 -23.56
C GLN A 151 -36.35 -30.72 -23.70
N ASP A 152 -36.05 -31.40 -24.82
CA ASP A 152 -36.50 -32.77 -25.00
C ASP A 152 -35.84 -33.74 -24.03
N LYS A 153 -34.77 -33.32 -23.37
CA LYS A 153 -34.06 -34.18 -22.44
C LYS A 153 -34.65 -34.15 -21.04
N LEU A 154 -35.63 -33.28 -20.78
CA LEU A 154 -36.28 -33.17 -19.47
C LEU A 154 -37.76 -33.48 -19.61
N TYR A 155 -38.37 -33.96 -18.52
CA TYR A 155 -39.79 -34.27 -18.55
C TYR A 155 -40.63 -32.99 -18.75
N PRO A 156 -41.63 -33.01 -19.62
CA PRO A 156 -42.30 -31.76 -20.00
C PRO A 156 -43.18 -31.16 -18.91
N PHE A 157 -43.55 -31.91 -17.88
CA PHE A 157 -44.34 -31.29 -16.83
C PHE A 157 -43.47 -30.46 -15.91
N THR A 158 -42.15 -30.64 -15.97
CA THR A 158 -41.23 -29.87 -15.17
C THR A 158 -40.91 -28.52 -15.81
N TRP A 159 -40.91 -28.43 -17.14
CA TRP A 159 -40.84 -27.12 -17.78
C TRP A 159 -42.08 -26.30 -17.47
N ASP A 160 -43.25 -26.95 -17.43
CA ASP A 160 -44.49 -26.22 -17.20
C ASP A 160 -44.56 -25.64 -15.79
N ALA A 161 -43.74 -26.14 -14.87
CA ALA A 161 -43.73 -25.59 -13.52
C ALA A 161 -42.87 -24.34 -13.41
N VAL A 162 -41.79 -24.25 -14.20
CA VAL A 162 -40.88 -23.12 -14.20
C VAL A 162 -41.27 -22.13 -15.30
N ARG A 163 -42.56 -22.07 -15.60
CA ARG A 163 -43.08 -21.13 -16.58
C ARG A 163 -43.99 -20.14 -15.86
N TYR A 164 -43.71 -18.86 -16.03
CA TYR A 164 -44.49 -17.79 -15.42
C TYR A 164 -44.78 -16.76 -16.49
N ASN A 165 -46.05 -16.47 -16.71
CA ASN A 165 -46.49 -15.63 -17.82
C ASN A 165 -45.92 -16.14 -19.14
N GLY A 166 -46.07 -17.44 -19.37
CA GLY A 166 -45.70 -18.01 -20.65
C GLY A 166 -44.22 -18.00 -20.95
N LYS A 167 -43.41 -17.56 -19.99
CA LYS A 167 -41.95 -17.50 -20.12
C LYS A 167 -41.28 -18.49 -19.18
N LEU A 168 -40.27 -19.18 -19.69
CA LEU A 168 -39.41 -20.01 -18.86
C LEU A 168 -38.47 -19.13 -18.05
N ILE A 169 -38.36 -19.44 -16.75
CA ILE A 169 -37.64 -18.59 -15.81
C ILE A 169 -36.67 -19.38 -14.94
N ALA A 170 -36.43 -20.66 -15.27
CA ALA A 170 -35.51 -21.48 -14.49
C ALA A 170 -35.29 -22.80 -15.21
N TYR A 171 -34.27 -23.53 -14.78
CA TYR A 171 -33.98 -24.87 -15.28
C TYR A 171 -34.44 -25.89 -14.26
N PRO A 172 -35.28 -26.87 -14.64
CA PRO A 172 -35.74 -27.87 -13.66
C PRO A 172 -34.64 -28.85 -13.35
N ILE A 173 -34.41 -29.10 -12.07
CA ILE A 173 -33.36 -30.01 -11.61
C ILE A 173 -33.95 -31.35 -11.15
N ALA A 174 -34.79 -31.33 -10.13
CA ALA A 174 -35.24 -32.56 -9.49
C ALA A 174 -36.71 -32.44 -9.10
N VAL A 175 -37.36 -33.59 -8.96
CA VAL A 175 -38.76 -33.66 -8.59
C VAL A 175 -38.84 -34.23 -7.18
N GLU A 176 -39.16 -33.37 -6.22
CA GLU A 176 -39.22 -33.75 -4.82
C GLU A 176 -40.67 -33.93 -4.40
N ALA A 177 -40.93 -35.03 -3.71
CA ALA A 177 -42.18 -35.20 -2.99
C ALA A 177 -41.87 -35.91 -1.68
N LEU A 178 -42.71 -35.68 -0.69
CA LEU A 178 -42.53 -36.32 0.59
C LEU A 178 -42.92 -37.79 0.52
N SER A 179 -42.23 -38.61 1.30
CA SER A 179 -42.54 -40.03 1.37
C SER A 179 -42.71 -40.41 2.84
N LEU A 180 -43.32 -41.58 3.04
CA LEU A 180 -43.34 -42.18 4.37
C LEU A 180 -42.07 -43.02 4.49
N ILE A 181 -41.34 -42.80 5.57
CA ILE A 181 -40.08 -43.48 5.82
C ILE A 181 -40.28 -44.25 7.10
N TYR A 182 -39.94 -45.54 7.09
CA TYR A 182 -40.21 -46.37 8.25
C TYR A 182 -39.00 -47.23 8.57
N ASN A 183 -38.76 -47.41 9.85
CA ASN A 183 -37.75 -48.33 10.37
C ASN A 183 -38.31 -49.76 10.29
N LYS A 184 -37.64 -50.64 9.54
CA LYS A 184 -38.17 -51.98 9.32
C LYS A 184 -38.04 -52.88 10.55
N ASP A 185 -37.08 -52.60 11.42
CA ASP A 185 -36.94 -53.43 12.62
C ASP A 185 -38.07 -53.17 13.62
N LEU A 186 -38.65 -51.96 13.62
CA LEU A 186 -39.75 -51.63 14.51
C LEU A 186 -41.11 -51.78 13.86
N LEU A 187 -41.21 -51.60 12.55
CA LEU A 187 -42.49 -51.69 11.84
C LEU A 187 -42.25 -52.35 10.49
N PRO A 188 -42.14 -53.69 10.45
CA PRO A 188 -41.80 -54.36 9.19
C PRO A 188 -42.77 -54.06 8.06
N ASN A 189 -44.05 -53.83 8.37
CA ASN A 189 -45.05 -53.39 7.39
C ASN A 189 -45.59 -52.02 7.80
N PRO A 190 -45.30 -50.95 7.06
CA PRO A 190 -45.84 -49.65 7.42
C PRO A 190 -47.35 -49.64 7.24
N PRO A 191 -48.07 -48.83 8.00
CA PRO A 191 -49.53 -48.75 7.84
C PRO A 191 -49.93 -48.27 6.46
N LYS A 192 -51.16 -48.60 6.07
CA LYS A 192 -51.73 -48.12 4.82
C LYS A 192 -52.68 -46.95 5.02
N THR A 193 -53.14 -46.73 6.24
CA THR A 193 -54.06 -45.65 6.55
C THR A 193 -53.46 -44.77 7.65
N TRP A 194 -53.87 -43.50 7.66
CA TRP A 194 -53.57 -42.64 8.79
C TRP A 194 -54.33 -43.10 10.03
N GLU A 195 -55.57 -43.56 9.86
CA GLU A 195 -56.46 -43.83 10.99
C GLU A 195 -55.96 -44.96 11.89
N GLU A 196 -55.01 -45.78 11.43
CA GLU A 196 -54.51 -46.89 12.23
C GLU A 196 -53.20 -46.57 12.94
N ILE A 197 -52.70 -45.34 12.79
CA ILE A 197 -51.49 -44.89 13.45
C ILE A 197 -51.72 -44.75 14.96
N PRO A 198 -52.88 -44.28 15.43
CA PRO A 198 -53.11 -44.31 16.89
C PRO A 198 -52.95 -45.70 17.48
N ALA A 199 -53.55 -46.72 16.86
CA ALA A 199 -53.44 -48.08 17.39
C ALA A 199 -52.00 -48.57 17.35
N LEU A 200 -51.27 -48.28 16.27
CA LEU A 200 -49.87 -48.70 16.19
C LEU A 200 -48.99 -47.95 17.20
N ASP A 201 -49.36 -46.71 17.55
CA ASP A 201 -48.57 -45.96 18.53
C ASP A 201 -48.70 -46.55 19.93
N LYS A 202 -49.90 -46.99 20.33
CA LYS A 202 -50.09 -47.55 21.66
C LYS A 202 -49.23 -48.79 21.88
N GLU A 203 -49.08 -49.62 20.85
CA GLU A 203 -48.21 -50.78 20.95
C GLU A 203 -46.75 -50.36 21.12
N LEU A 204 -46.25 -49.48 20.23
CA LEU A 204 -44.84 -49.12 20.27
C LEU A 204 -44.48 -48.38 21.56
N LYS A 205 -45.39 -47.55 22.06
CA LYS A 205 -45.11 -46.82 23.30
C LYS A 205 -44.84 -47.77 24.45
N ALA A 206 -45.49 -48.95 24.46
CA ALA A 206 -45.21 -49.95 25.47
C ALA A 206 -43.79 -50.51 25.35
N LYS A 207 -43.25 -50.57 24.13
CA LYS A 207 -41.88 -51.00 23.91
C LYS A 207 -40.86 -49.87 24.10
N GLY A 208 -41.29 -48.72 24.62
CA GLY A 208 -40.41 -47.59 24.78
C GLY A 208 -40.18 -46.76 23.53
N LYS A 209 -41.00 -46.94 22.50
CA LYS A 209 -40.83 -46.31 21.20
C LYS A 209 -42.06 -45.45 20.89
N SER A 210 -42.06 -44.82 19.73
CA SER A 210 -43.24 -44.11 19.26
C SER A 210 -43.41 -44.39 17.77
N ALA A 211 -44.63 -44.17 17.29
CA ALA A 211 -45.00 -44.58 15.94
C ALA A 211 -44.53 -43.58 14.87
N LEU A 212 -44.56 -42.28 15.16
CA LEU A 212 -44.42 -41.30 14.08
C LEU A 212 -43.98 -39.94 14.63
N MET A 213 -42.89 -39.43 14.09
CA MET A 213 -42.46 -38.05 14.29
C MET A 213 -42.10 -37.43 12.95
N PHE A 214 -42.56 -36.21 12.71
CA PHE A 214 -42.14 -35.43 11.55
C PHE A 214 -42.33 -33.94 11.83
N ASN A 215 -41.61 -33.12 11.07
CA ASN A 215 -41.56 -31.67 11.25
C ASN A 215 -42.96 -31.05 11.18
N LEU A 216 -43.48 -30.62 12.31
CA LEU A 216 -44.78 -29.95 12.32
C LEU A 216 -44.67 -28.45 12.10
N GLN A 217 -43.47 -27.88 12.14
CA GLN A 217 -43.29 -26.44 12.03
C GLN A 217 -43.23 -25.93 10.59
N GLU A 218 -43.25 -26.82 9.59
CA GLU A 218 -43.24 -26.39 8.19
C GLU A 218 -44.49 -26.94 7.51
N PRO A 219 -45.37 -26.08 7.00
CA PRO A 219 -46.61 -26.55 6.37
C PRO A 219 -46.38 -27.51 5.21
N TYR A 220 -45.20 -27.48 4.59
CA TYR A 220 -44.89 -28.41 3.52
C TYR A 220 -45.11 -29.85 3.97
N PHE A 221 -44.88 -30.13 5.25
CA PHE A 221 -44.93 -31.47 5.82
C PHE A 221 -46.32 -31.90 6.29
N THR A 222 -47.17 -30.96 6.71
CA THR A 222 -48.51 -31.33 7.15
C THR A 222 -49.51 -31.32 6.00
N TRP A 223 -49.27 -30.51 4.99
CA TRP A 223 -50.17 -30.41 3.84
C TRP A 223 -50.56 -31.74 3.20
N PRO A 224 -49.68 -32.73 3.07
CA PRO A 224 -50.12 -34.02 2.50
C PRO A 224 -51.35 -34.59 3.17
N LEU A 225 -51.49 -34.43 4.48
CA LEU A 225 -52.65 -34.89 5.23
C LEU A 225 -53.82 -33.90 5.16
N ILE A 226 -53.54 -32.60 5.25
CA ILE A 226 -54.61 -31.61 5.15
C ILE A 226 -55.29 -31.65 3.78
N ALA A 227 -54.56 -32.03 2.74
CA ALA A 227 -55.06 -31.94 1.38
C ALA A 227 -55.79 -33.21 0.92
N ALA A 228 -55.90 -34.22 1.76
CA ALA A 228 -56.63 -35.44 1.38
C ALA A 228 -58.03 -35.45 1.98
N ALA A 253 -60.23 -30.27 3.76
CA ALA A 253 -59.14 -29.70 4.55
C ALA A 253 -59.46 -29.72 6.05
N LYS A 254 -60.76 -29.65 6.36
CA LYS A 254 -61.19 -29.56 7.76
C LYS A 254 -60.90 -30.85 8.51
N ALA A 255 -61.31 -31.99 7.95
CA ALA A 255 -61.16 -33.25 8.66
C ALA A 255 -59.71 -33.67 8.81
N GLY A 256 -58.87 -33.36 7.82
CA GLY A 256 -57.46 -33.75 7.92
C GLY A 256 -56.72 -33.02 9.02
N LEU A 257 -56.85 -31.68 9.06
CA LEU A 257 -56.24 -30.93 10.16
C LEU A 257 -56.79 -31.36 11.51
N THR A 258 -58.08 -31.72 11.56
CA THR A 258 -58.68 -32.25 12.78
C THR A 258 -57.94 -33.50 13.26
N PHE A 259 -57.81 -34.50 12.39
CA PHE A 259 -57.09 -35.72 12.73
C PHE A 259 -55.69 -35.40 13.24
N LEU A 260 -54.98 -34.49 12.57
CA LEU A 260 -53.66 -34.11 13.03
C LEU A 260 -53.71 -33.48 14.42
N VAL A 261 -54.67 -32.58 14.66
CA VAL A 261 -54.85 -32.01 15.99
C VAL A 261 -55.22 -33.09 17.00
N ASP A 262 -56.15 -33.99 16.63
CA ASP A 262 -56.52 -35.05 17.56
C ASP A 262 -55.37 -36.02 17.81
N LEU A 263 -54.34 -36.00 16.95
CA LEU A 263 -53.13 -36.76 17.21
C LEU A 263 -52.29 -36.09 18.29
N ILE A 264 -52.11 -34.77 18.19
CA ILE A 264 -51.41 -34.04 19.25
C ILE A 264 -52.17 -34.16 20.57
N LYS A 265 -53.50 -34.00 20.52
CA LYS A 265 -54.29 -33.96 21.75
C LYS A 265 -54.30 -35.30 22.46
N ASN A 266 -54.31 -36.41 21.72
CA ASN A 266 -54.23 -37.73 22.32
C ASN A 266 -52.79 -38.18 22.57
N LYS A 267 -51.84 -37.24 22.57
CA LYS A 267 -50.46 -37.45 22.96
C LYS A 267 -49.72 -38.41 22.04
N HIS A 268 -50.16 -38.55 20.79
CA HIS A 268 -49.44 -39.37 19.83
C HIS A 268 -48.28 -38.63 19.19
N MET A 269 -48.30 -37.30 19.21
CA MET A 269 -47.21 -36.47 18.69
C MET A 269 -47.05 -35.25 19.57
N ASN A 270 -45.96 -34.50 19.32
CA ASN A 270 -45.63 -33.28 20.03
C ASN A 270 -45.73 -32.08 19.10
N ALA A 271 -46.41 -31.02 19.56
CA ALA A 271 -46.58 -29.81 18.76
C ALA A 271 -45.25 -29.11 18.48
N ASP A 272 -44.24 -29.30 19.33
CA ASP A 272 -42.96 -28.63 19.17
C ASP A 272 -42.00 -29.36 18.23
N THR A 273 -42.34 -30.56 17.77
CA THR A 273 -41.44 -31.35 16.93
C THR A 273 -41.18 -30.62 15.61
N ASP A 274 -39.93 -30.26 15.36
CA ASP A 274 -39.52 -29.66 14.10
C ASP A 274 -38.62 -30.63 13.33
N TYR A 275 -37.97 -30.11 12.28
CA TYR A 275 -37.14 -30.97 11.43
C TYR A 275 -36.06 -31.67 12.22
N SER A 276 -35.26 -30.91 12.98
CA SER A 276 -34.11 -31.47 13.67
C SER A 276 -34.53 -32.48 14.74
N ILE A 277 -35.67 -32.26 15.39
CA ILE A 277 -36.11 -33.19 16.43
C ILE A 277 -36.56 -34.51 15.82
N ALA A 278 -37.25 -34.47 14.68
CA ALA A 278 -37.77 -35.70 14.09
C ALA A 278 -36.65 -36.54 13.49
N GLU A 279 -35.66 -35.91 12.86
CA GLU A 279 -34.57 -36.68 12.24
C GLU A 279 -33.71 -37.36 13.31
N HIS A 280 -33.50 -36.69 14.43
CA HIS A 280 -32.68 -37.30 15.48
C HIS A 280 -33.38 -38.51 16.08
N ALA A 281 -34.70 -38.40 16.28
CA ALA A 281 -35.46 -39.52 16.84
C ALA A 281 -35.46 -40.72 15.89
N PHE A 282 -35.59 -40.47 14.58
CA PHE A 282 -35.61 -41.59 13.64
C PHE A 282 -34.23 -42.15 13.42
N ASN A 283 -33.22 -41.29 13.32
CA ASN A 283 -31.90 -41.83 13.01
C ASN A 283 -31.26 -42.50 14.21
N HIS A 284 -31.91 -42.47 15.37
CA HIS A 284 -31.48 -43.24 16.52
C HIS A 284 -32.48 -44.32 16.90
N GLY A 285 -33.42 -44.65 16.00
CA GLY A 285 -34.31 -45.77 16.23
C GLY A 285 -35.26 -45.58 17.39
N GLU A 286 -35.56 -44.34 17.76
CA GLU A 286 -36.49 -44.04 18.83
C GLU A 286 -37.91 -43.85 18.34
N THR A 287 -38.13 -43.89 17.03
CA THR A 287 -39.45 -43.74 16.45
C THR A 287 -39.48 -44.58 15.18
N ALA A 288 -40.66 -45.12 14.85
CA ALA A 288 -40.78 -46.13 13.81
C ALA A 288 -41.02 -45.55 12.42
N MET A 289 -41.58 -44.35 12.32
CA MET A 289 -41.86 -43.74 11.03
C MET A 289 -41.63 -42.24 11.11
N THR A 290 -41.15 -41.67 10.00
CA THR A 290 -41.01 -40.24 9.79
C THR A 290 -41.49 -39.90 8.39
N ILE A 291 -41.71 -38.61 8.15
CA ILE A 291 -42.10 -38.10 6.83
C ILE A 291 -41.04 -37.12 6.36
N ASN A 292 -40.36 -37.42 5.25
CA ASN A 292 -39.30 -36.55 4.77
C ASN A 292 -39.10 -36.77 3.27
N GLY A 293 -38.15 -36.03 2.71
CA GLY A 293 -37.85 -36.10 1.31
C GLY A 293 -36.48 -36.69 1.05
N PRO A 294 -36.13 -36.87 -0.23
CA PRO A 294 -34.91 -37.62 -0.57
C PRO A 294 -33.63 -37.07 0.05
N TRP A 295 -33.53 -35.76 0.27
CA TRP A 295 -32.33 -35.19 0.86
C TRP A 295 -31.94 -35.86 2.17
N ALA A 296 -32.91 -36.42 2.90
CA ALA A 296 -32.66 -37.00 4.22
C ALA A 296 -32.11 -38.42 4.15
N TRP A 297 -32.16 -39.08 2.97
CA TRP A 297 -31.73 -40.46 2.90
C TRP A 297 -30.26 -40.62 3.27
N SER A 298 -29.45 -39.59 3.01
CA SER A 298 -28.03 -39.66 3.29
C SER A 298 -27.75 -39.86 4.76
N ASN A 299 -28.40 -39.08 5.63
CA ASN A 299 -28.16 -39.20 7.06
C ASN A 299 -28.69 -40.49 7.65
N ILE A 300 -29.67 -41.14 6.99
CA ILE A 300 -30.19 -42.39 7.52
C ILE A 300 -29.27 -43.54 7.14
N ASP A 301 -28.61 -43.47 5.98
CA ASP A 301 -27.64 -44.50 5.60
C ASP A 301 -26.51 -44.60 6.61
N THR A 302 -26.06 -43.47 7.15
CA THR A 302 -24.93 -43.47 8.07
C THR A 302 -25.34 -43.90 9.47
N SER A 303 -26.60 -43.76 9.85
CA SER A 303 -27.06 -44.19 11.16
C SER A 303 -27.26 -45.69 11.26
N ALA A 304 -27.25 -46.40 10.12
CA ALA A 304 -27.43 -47.86 10.07
C ALA A 304 -28.84 -48.28 10.50
N VAL A 305 -29.84 -47.43 10.24
CA VAL A 305 -31.23 -47.82 10.39
C VAL A 305 -31.63 -48.57 9.13
N ASN A 306 -32.20 -49.76 9.32
CA ASN A 306 -32.73 -50.52 8.20
C ASN A 306 -34.11 -49.94 7.90
N TYR A 307 -34.18 -49.10 6.87
CA TYR A 307 -35.35 -48.28 6.63
C TYR A 307 -35.91 -48.55 5.24
N GLY A 308 -37.22 -48.36 5.11
CA GLY A 308 -37.88 -48.40 3.82
C GLY A 308 -38.53 -47.06 3.51
N VAL A 309 -38.96 -46.93 2.27
CA VAL A 309 -39.55 -45.69 1.76
C VAL A 309 -40.75 -46.09 0.93
N THR A 310 -41.91 -45.53 1.25
CA THR A 310 -43.12 -46.01 0.62
C THR A 310 -44.15 -44.90 0.55
N VAL A 311 -45.31 -45.24 -0.02
CA VAL A 311 -46.42 -44.30 -0.17
C VAL A 311 -46.86 -43.77 1.20
N LEU A 312 -47.36 -42.54 1.19
CA LEU A 312 -47.93 -41.98 2.40
C LEU A 312 -49.25 -42.66 2.70
N PRO A 313 -49.56 -42.91 3.97
CA PRO A 313 -50.81 -43.61 4.29
C PRO A 313 -52.02 -42.80 3.86
N THR A 314 -53.11 -43.50 3.60
CA THR A 314 -54.35 -42.89 3.15
C THR A 314 -55.11 -42.29 4.34
N PHE A 315 -56.01 -41.37 4.01
CA PHE A 315 -56.90 -40.76 4.98
C PHE A 315 -58.31 -40.80 4.41
N LYS A 316 -59.28 -41.23 5.23
CA LYS A 316 -60.67 -41.39 4.78
C LYS A 316 -60.77 -42.17 3.47
N GLY A 317 -59.83 -43.09 3.23
CA GLY A 317 -59.79 -43.87 2.01
C GLY A 317 -59.10 -43.22 0.81
N GLN A 318 -58.73 -41.95 0.89
CA GLN A 318 -58.10 -41.34 -0.28
C GLN A 318 -56.60 -41.20 -0.09
N PRO A 319 -55.81 -41.12 -1.17
CA PRO A 319 -54.36 -40.96 -1.03
C PRO A 319 -53.98 -39.64 -0.37
N SER A 320 -52.88 -39.67 0.39
CA SER A 320 -52.26 -38.43 0.84
C SER A 320 -51.81 -37.65 -0.38
N LYS A 321 -52.17 -36.36 -0.42
CA LYS A 321 -51.94 -35.50 -1.59
C LYS A 321 -50.89 -34.45 -1.24
N PRO A 322 -49.61 -34.79 -1.29
CA PRO A 322 -48.57 -33.83 -0.92
C PRO A 322 -48.28 -32.88 -2.07
N PHE A 323 -47.59 -31.79 -1.72
CA PHE A 323 -47.21 -30.74 -2.66
C PHE A 323 -45.90 -31.13 -3.36
N VAL A 324 -45.92 -31.17 -4.68
CA VAL A 324 -44.75 -31.56 -5.46
C VAL A 324 -44.00 -30.31 -5.86
N GLY A 325 -42.73 -30.23 -5.47
CA GLY A 325 -41.85 -29.14 -5.87
C GLY A 325 -40.78 -29.62 -6.83
N VAL A 326 -40.60 -28.86 -7.91
CA VAL A 326 -39.51 -29.09 -8.84
C VAL A 326 -38.35 -28.20 -8.41
N LEU A 327 -37.32 -28.81 -7.81
CA LEU A 327 -36.08 -28.09 -7.55
C LEU A 327 -35.56 -27.51 -8.86
N SER A 328 -35.27 -26.22 -8.87
CA SER A 328 -34.92 -25.52 -10.10
C SER A 328 -33.74 -24.59 -9.87
N ALA A 329 -33.00 -24.34 -10.93
CA ALA A 329 -31.92 -23.37 -10.95
C ALA A 329 -32.38 -22.13 -11.71
N GLY A 330 -32.43 -20.99 -11.02
CA GLY A 330 -32.76 -19.72 -11.65
C GLY A 330 -31.53 -18.85 -11.81
N ILE A 331 -31.48 -18.11 -12.90
CA ILE A 331 -30.39 -17.18 -13.16
C ILE A 331 -30.84 -15.79 -12.74
N ASN A 332 -30.06 -15.17 -11.86
CA ASN A 332 -30.31 -13.80 -11.40
C ASN A 332 -30.36 -12.84 -12.58
N ALA A 333 -31.42 -12.05 -12.67
CA ALA A 333 -31.48 -11.03 -13.72
C ALA A 333 -30.40 -9.96 -13.56
N ALA A 334 -29.73 -9.88 -12.41
CA ALA A 334 -28.62 -8.96 -12.21
C ALA A 334 -27.27 -9.61 -12.41
N SER A 335 -27.23 -10.80 -13.00
CA SER A 335 -25.95 -11.46 -13.20
C SER A 335 -25.24 -10.86 -14.42
N PRO A 336 -23.93 -10.61 -14.32
CA PRO A 336 -23.18 -10.18 -15.52
C PRO A 336 -22.76 -11.33 -16.42
N ASN A 337 -22.95 -12.57 -16.00
CA ASN A 337 -22.53 -13.73 -16.79
C ASN A 337 -23.69 -14.68 -17.00
N LYS A 338 -24.83 -14.14 -17.45
CA LYS A 338 -26.00 -14.95 -17.73
C LYS A 338 -25.69 -16.08 -18.70
N GLU A 339 -24.95 -15.76 -19.77
CA GLU A 339 -24.60 -16.77 -20.76
C GLU A 339 -23.72 -17.85 -20.16
N LEU A 340 -22.77 -17.46 -19.32
CA LEU A 340 -21.92 -18.45 -18.66
C LEU A 340 -22.72 -19.31 -17.69
N ALA A 341 -23.74 -18.74 -17.06
CA ALA A 341 -24.60 -19.55 -16.19
C ALA A 341 -25.43 -20.52 -17.02
N LYS A 342 -25.79 -20.16 -18.25
CA LYS A 342 -26.51 -21.10 -19.10
C LYS A 342 -25.63 -22.30 -19.46
N GLU A 343 -24.32 -22.08 -19.60
CA GLU A 343 -23.43 -23.15 -20.05
C GLU A 343 -23.08 -24.10 -18.92
N PHE A 344 -22.96 -23.60 -17.69
CA PHE A 344 -22.68 -24.50 -16.58
C PHE A 344 -23.88 -25.39 -16.28
N LEU A 345 -25.10 -24.91 -16.53
CA LEU A 345 -26.33 -25.65 -16.24
C LEU A 345 -26.71 -26.62 -17.34
N GLU A 346 -26.54 -26.23 -18.61
CA GLU A 346 -26.95 -27.10 -19.71
C GLU A 346 -25.88 -28.12 -20.05
N ASN A 347 -24.61 -27.79 -19.82
CA ASN A 347 -23.50 -28.61 -20.29
C ASN A 347 -22.75 -29.32 -19.18
N TYR A 348 -22.93 -28.92 -17.93
CA TYR A 348 -22.19 -29.54 -16.82
C TYR A 348 -23.14 -30.13 -15.78
N LEU A 349 -24.06 -29.34 -15.25
CA LEU A 349 -24.94 -29.87 -14.21
C LEU A 349 -25.96 -30.83 -14.80
N LEU A 350 -26.75 -30.38 -15.77
CA LEU A 350 -27.87 -31.17 -16.30
C LEU A 350 -27.46 -32.22 -17.32
N THR A 351 -26.31 -32.85 -17.10
CA THR A 351 -25.91 -34.08 -17.77
C THR A 351 -25.95 -35.21 -16.77
N ASP A 352 -25.80 -36.45 -17.26
CA ASP A 352 -25.84 -37.59 -16.35
C ASP A 352 -24.77 -37.47 -15.27
N GLU A 353 -23.53 -37.15 -15.69
CA GLU A 353 -22.43 -37.03 -14.74
C GLU A 353 -22.71 -35.96 -13.70
N GLY A 354 -23.18 -34.78 -14.13
CA GLY A 354 -23.40 -33.69 -13.19
C GLY A 354 -24.43 -34.02 -12.13
N LEU A 355 -25.60 -34.50 -12.55
CA LEU A 355 -26.63 -34.87 -11.58
C LEU A 355 -26.13 -35.97 -10.64
N GLU A 356 -25.28 -36.87 -11.15
CA GLU A 356 -24.79 -37.95 -10.31
C GLU A 356 -23.86 -37.41 -9.22
N ALA A 357 -23.05 -36.41 -9.55
CA ALA A 357 -22.13 -35.86 -8.57
C ALA A 357 -22.88 -35.15 -7.45
N VAL A 358 -24.04 -34.55 -7.74
CA VAL A 358 -24.87 -33.98 -6.69
C VAL A 358 -25.52 -35.10 -5.89
N ASN A 359 -26.00 -36.13 -6.58
CA ASN A 359 -26.80 -37.16 -5.96
C ASN A 359 -25.98 -38.03 -5.00
N LYS A 360 -24.71 -38.27 -5.31
CA LYS A 360 -23.85 -38.99 -4.36
C LYS A 360 -23.68 -38.23 -3.05
N ASP A 361 -23.76 -36.90 -3.08
CA ASP A 361 -23.67 -36.13 -1.85
C ASP A 361 -24.95 -36.25 -1.03
N LYS A 362 -26.02 -35.61 -1.49
CA LYS A 362 -27.36 -35.76 -0.94
C LYS A 362 -28.26 -36.20 -2.07
N PRO A 363 -28.96 -37.33 -1.98
CA PRO A 363 -29.78 -37.78 -3.10
C PRO A 363 -30.82 -36.75 -3.50
N LEU A 364 -31.03 -36.64 -4.81
CA LEU A 364 -32.02 -35.73 -5.36
C LEU A 364 -33.40 -36.33 -5.42
N GLY A 365 -33.51 -37.65 -5.24
CA GLY A 365 -34.74 -38.35 -5.53
C GLY A 365 -34.88 -38.61 -7.01
N ALA A 366 -35.95 -38.09 -7.61
CA ALA A 366 -36.17 -38.21 -9.04
C ALA A 366 -35.74 -36.91 -9.71
N VAL A 367 -34.88 -37.04 -10.71
CA VAL A 367 -34.37 -35.88 -11.41
C VAL A 367 -35.28 -35.61 -12.60
N ALA A 368 -35.19 -34.40 -13.15
CA ALA A 368 -36.00 -34.03 -14.29
C ALA A 368 -35.41 -34.49 -15.62
N LEU A 369 -34.12 -34.84 -15.63
CA LEU A 369 -33.43 -35.29 -16.83
C LEU A 369 -33.81 -36.73 -17.14
N LYS A 370 -34.46 -36.96 -18.29
CA LYS A 370 -35.06 -38.26 -18.57
C LYS A 370 -34.03 -39.39 -18.58
N SER A 371 -32.87 -39.16 -19.23
CA SER A 371 -31.82 -40.17 -19.29
C SER A 371 -31.41 -40.66 -17.90
N TYR A 372 -31.29 -39.75 -16.93
CA TYR A 372 -30.84 -40.19 -15.61
C TYR A 372 -31.99 -40.70 -14.74
N GLU A 373 -33.22 -40.29 -15.02
CA GLU A 373 -34.36 -40.77 -14.24
C GLU A 373 -34.75 -42.20 -14.64
N GLU A 374 -34.55 -42.59 -15.90
CA GLU A 374 -34.80 -43.99 -16.27
C GLU A 374 -33.86 -44.94 -15.53
N GLU A 375 -32.65 -44.48 -15.18
CA GLU A 375 -31.77 -45.29 -14.33
C GLU A 375 -32.18 -45.19 -12.87
N LEU A 376 -32.27 -43.97 -12.35
CA LEU A 376 -32.52 -43.73 -10.92
C LEU A 376 -33.78 -44.42 -10.41
N VAL A 377 -34.79 -44.56 -11.27
CA VAL A 377 -36.09 -45.04 -10.81
C VAL A 377 -36.12 -46.55 -10.59
N LYS A 378 -35.05 -47.26 -10.95
CA LYS A 378 -34.94 -48.67 -10.57
C LYS A 378 -34.78 -48.82 -9.06
N ASP A 379 -34.25 -47.79 -8.41
CA ASP A 379 -34.12 -47.74 -6.94
C ASP A 379 -35.50 -47.63 -6.31
N PRO A 380 -35.89 -48.54 -5.42
CA PRO A 380 -37.27 -48.49 -4.89
C PRO A 380 -37.60 -47.23 -4.11
N ARG A 381 -36.62 -46.59 -3.46
CA ARG A 381 -36.89 -45.34 -2.77
C ARG A 381 -37.37 -44.26 -3.75
N VAL A 382 -36.69 -44.14 -4.89
CA VAL A 382 -37.08 -43.16 -5.90
C VAL A 382 -38.44 -43.51 -6.49
N ALA A 383 -38.73 -44.81 -6.64
CA ALA A 383 -40.03 -45.25 -7.14
C ALA A 383 -41.15 -44.80 -6.21
N ALA A 384 -40.94 -44.92 -4.90
CA ALA A 384 -41.92 -44.43 -3.95
C ALA A 384 -42.09 -42.92 -4.10
N THR A 385 -40.99 -42.19 -4.23
CA THR A 385 -41.09 -40.76 -4.43
C THR A 385 -41.90 -40.45 -5.68
N MET A 386 -41.63 -41.15 -6.79
CA MET A 386 -42.45 -40.90 -7.98
C MET A 386 -43.89 -41.31 -7.79
N GLU A 387 -44.17 -42.29 -6.91
CA GLU A 387 -45.56 -42.63 -6.61
C GLU A 387 -46.25 -41.52 -5.81
N ASN A 388 -45.60 -41.01 -4.78
CA ASN A 388 -46.17 -39.91 -4.01
C ASN A 388 -46.31 -38.64 -4.82
N ALA A 389 -45.42 -38.41 -5.79
CA ALA A 389 -45.61 -37.27 -6.69
C ALA A 389 -46.82 -37.46 -7.57
N GLN A 390 -47.02 -38.70 -8.08
CA GLN A 390 -48.17 -38.96 -8.94
C GLN A 390 -49.47 -38.69 -8.21
N LYS A 391 -49.58 -39.19 -6.99
CA LYS A 391 -50.82 -39.09 -6.21
C LYS A 391 -50.99 -37.73 -5.54
N GLY A 392 -50.06 -36.80 -5.72
CA GLY A 392 -50.21 -35.48 -5.16
C GLY A 392 -50.55 -34.41 -6.19
N GLU A 393 -50.20 -33.18 -5.88
CA GLU A 393 -50.44 -32.07 -6.81
C GLU A 393 -49.23 -31.14 -6.80
N ILE A 394 -48.89 -30.64 -7.97
CA ILE A 394 -47.73 -29.78 -8.13
C ILE A 394 -48.09 -28.38 -7.62
N MET A 395 -47.16 -27.77 -6.85
CA MET A 395 -47.60 -26.52 -6.22
C MET A 395 -47.62 -25.37 -7.23
N PRO A 396 -48.46 -24.37 -6.99
CA PRO A 396 -48.49 -23.20 -7.87
C PRO A 396 -47.29 -22.29 -7.61
N ASN A 397 -47.04 -21.39 -8.56
CA ASN A 397 -45.95 -20.45 -8.46
C ASN A 397 -46.45 -19.00 -8.52
N ILE A 398 -47.63 -18.75 -7.97
CA ILE A 398 -48.19 -17.41 -7.87
C ILE A 398 -47.32 -16.58 -6.92
N PRO A 399 -47.36 -15.25 -7.00
CA PRO A 399 -46.55 -14.45 -6.06
C PRO A 399 -47.05 -14.53 -4.64
N GLN A 400 -48.36 -14.66 -4.42
CA GLN A 400 -48.87 -14.80 -3.05
C GLN A 400 -48.56 -16.15 -2.41
N MET A 401 -47.85 -17.06 -3.08
CA MET A 401 -47.53 -18.35 -2.49
C MET A 401 -46.91 -18.21 -1.11
N SER A 402 -46.05 -17.20 -0.94
CA SER A 402 -45.44 -16.97 0.36
C SER A 402 -46.48 -16.71 1.43
N ALA A 403 -47.55 -15.99 1.09
CA ALA A 403 -48.61 -15.71 2.06
C ALA A 403 -49.47 -16.94 2.30
N PHE A 404 -49.70 -17.73 1.25
CA PHE A 404 -50.32 -19.03 1.42
C PHE A 404 -49.60 -19.83 2.50
N TRP A 405 -48.27 -19.95 2.38
CA TRP A 405 -47.51 -20.76 3.32
C TRP A 405 -47.55 -20.19 4.72
N TYR A 406 -47.54 -18.86 4.85
CA TYR A 406 -47.67 -18.26 6.18
C TYR A 406 -48.96 -18.70 6.84
N ALA A 407 -50.06 -18.64 6.08
CA ALA A 407 -51.37 -19.01 6.60
C ALA A 407 -51.40 -20.45 7.06
N VAL A 408 -50.86 -21.37 6.25
CA VAL A 408 -50.94 -22.79 6.60
C VAL A 408 -50.02 -23.10 7.77
N ARG A 409 -48.85 -22.46 7.82
CA ARG A 409 -48.00 -22.62 8.99
C ARG A 409 -48.71 -22.14 10.25
N THR A 410 -49.24 -20.92 10.23
CA THR A 410 -49.85 -20.34 11.42
C THR A 410 -51.09 -21.13 11.85
N ALA A 411 -51.82 -21.72 10.91
CA ALA A 411 -53.02 -22.47 11.29
C ALA A 411 -52.68 -23.78 12.00
N VAL A 412 -51.54 -24.38 11.66
CA VAL A 412 -51.12 -25.60 12.35
C VAL A 412 -50.64 -25.27 13.76
N ILE A 413 -49.70 -24.33 13.89
CA ILE A 413 -49.18 -23.95 15.20
C ILE A 413 -50.33 -23.58 16.14
N ASN A 414 -51.19 -22.66 15.72
CA ASN A 414 -52.20 -22.15 16.63
C ASN A 414 -53.28 -23.18 16.94
N ALA A 415 -53.37 -24.25 16.15
CA ALA A 415 -54.28 -25.33 16.50
C ALA A 415 -53.78 -26.18 17.65
N ALA A 416 -52.57 -25.93 18.14
CA ALA A 416 -52.03 -26.64 19.30
C ALA A 416 -52.73 -26.21 20.58
N THR B 26 13.37 18.33 -15.21
CA THR B 26 13.61 17.33 -16.23
C THR B 26 14.08 15.99 -15.64
N PHE B 27 14.13 14.99 -16.52
CA PHE B 27 14.34 13.60 -16.15
C PHE B 27 15.35 12.99 -17.11
N SER B 28 15.98 11.91 -16.66
CA SER B 28 16.84 11.15 -17.55
C SER B 28 16.02 10.53 -18.69
N PRO B 29 16.53 10.53 -19.92
CA PRO B 29 15.80 9.90 -21.03
C PRO B 29 15.64 8.39 -20.89
N GLU B 30 16.39 7.74 -19.99
CA GLU B 30 16.22 6.31 -19.79
C GLU B 30 14.95 5.98 -19.01
N CYS B 31 14.45 6.93 -18.21
CA CYS B 31 13.31 6.67 -17.34
C CYS B 31 12.06 6.33 -18.15
N SER B 32 11.83 7.03 -19.27
CA SER B 32 10.65 6.76 -20.07
C SER B 32 10.85 5.53 -20.96
N LYS B 33 12.07 5.32 -21.45
CA LYS B 33 12.37 4.09 -22.18
C LYS B 33 12.09 2.87 -21.33
N HIS B 34 12.47 2.91 -20.05
CA HIS B 34 12.17 1.80 -19.15
C HIS B 34 10.67 1.65 -18.95
N PHE B 35 9.98 2.76 -18.65
CA PHE B 35 8.57 2.70 -18.32
C PHE B 35 7.74 2.13 -19.48
N HIS B 36 8.14 2.41 -20.71
CA HIS B 36 7.40 1.94 -21.87
C HIS B 36 7.76 0.50 -22.21
N ARG B 37 9.05 0.16 -22.14
CA ARG B 37 9.46 -1.22 -22.39
C ARG B 37 8.83 -2.17 -21.38
N LEU B 38 8.70 -1.70 -20.12
CA LEU B 38 8.04 -2.51 -19.10
C LEU B 38 6.58 -2.74 -19.43
N TYR B 39 5.90 -1.74 -19.98
CA TYR B 39 4.47 -1.89 -20.23
C TYR B 39 4.17 -2.76 -21.45
N TYR B 40 4.97 -2.64 -22.51
CA TYR B 40 4.67 -3.34 -23.76
C TYR B 40 5.44 -4.64 -23.94
N ASN B 41 6.68 -4.73 -23.48
CA ASN B 41 7.57 -5.83 -23.80
C ASN B 41 7.80 -6.78 -22.63
N THR B 42 6.92 -6.76 -21.63
CA THR B 42 7.00 -7.68 -20.51
C THR B 42 5.80 -8.62 -20.56
N ARG B 43 5.99 -9.83 -20.01
CA ARG B 43 4.88 -10.74 -19.82
C ARG B 43 3.98 -10.31 -18.68
N GLU B 44 4.54 -9.62 -17.68
CA GLU B 44 3.75 -9.16 -16.54
C GLU B 44 2.65 -8.20 -16.96
N CYS B 45 2.91 -7.36 -17.97
CA CYS B 45 1.99 -6.29 -18.31
C CYS B 45 1.09 -6.62 -19.51
N SER B 46 1.17 -7.83 -20.05
CA SER B 46 0.38 -8.19 -21.22
C SER B 46 -0.79 -9.12 -20.91
N THR B 47 -0.92 -9.63 -19.68
CA THR B 47 -2.02 -10.53 -19.37
C THR B 47 -2.64 -10.18 -18.02
N PRO B 48 -3.97 -10.07 -17.94
CA PRO B 48 -4.61 -9.65 -16.68
C PRO B 48 -4.31 -10.55 -15.50
N ALA B 49 -3.86 -11.78 -15.74
CA ALA B 49 -3.45 -12.64 -14.64
C ALA B 49 -2.38 -11.99 -13.79
N TYR B 50 -1.49 -11.22 -14.42
CA TYR B 50 -0.31 -10.68 -13.76
C TYR B 50 -0.34 -9.16 -13.60
N TYR B 51 -1.49 -8.51 -13.82
CA TYR B 51 -1.56 -7.05 -13.71
C TYR B 51 -1.07 -6.54 -12.37
N LYS B 52 -1.37 -7.28 -11.28
CA LYS B 52 -0.91 -6.86 -9.96
C LYS B 52 0.61 -6.84 -9.88
N ARG B 53 1.28 -7.84 -10.47
CA ARG B 53 2.74 -7.82 -10.54
C ARG B 53 3.22 -6.68 -11.42
N CYS B 54 2.56 -6.48 -12.57
CA CYS B 54 2.89 -5.37 -13.47
C CYS B 54 2.78 -4.02 -12.77
N ALA B 55 1.73 -3.83 -11.96
CA ALA B 55 1.55 -2.58 -11.25
C ALA B 55 2.62 -2.40 -10.18
N ARG B 56 2.99 -3.49 -9.50
CA ARG B 56 4.05 -3.40 -8.49
C ARG B 56 5.39 -3.05 -9.13
N LEU B 57 5.70 -3.66 -10.28
CA LEU B 57 6.97 -3.41 -10.92
C LEU B 57 7.07 -1.96 -11.41
N LEU B 58 5.97 -1.43 -11.98
CA LEU B 58 5.93 -0.02 -12.38
C LEU B 58 6.03 0.90 -11.18
N THR B 59 5.48 0.50 -10.03
CA THR B 59 5.61 1.32 -8.83
C THR B 59 7.07 1.38 -8.39
N ARG B 60 7.79 0.25 -8.48
CA ARG B 60 9.21 0.26 -8.14
C ARG B 60 9.99 1.13 -9.10
N LEU B 61 9.64 1.11 -10.39
CA LEU B 61 10.28 2.00 -11.35
C LEU B 61 10.00 3.46 -11.03
N ALA B 62 8.73 3.81 -10.80
CA ALA B 62 8.34 5.21 -10.65
C ALA B 62 9.05 5.90 -9.49
N VAL B 63 9.43 5.13 -8.47
CA VAL B 63 10.06 5.68 -7.27
C VAL B 63 11.57 5.50 -7.26
N SER B 64 12.14 4.87 -8.30
CA SER B 64 13.57 4.65 -8.34
C SER B 64 14.34 5.93 -8.65
N PRO B 65 15.63 5.98 -8.30
CA PRO B 65 16.47 7.12 -8.70
C PRO B 65 16.48 7.36 -10.19
N LEU B 66 16.36 6.29 -10.98
CA LEU B 66 16.31 6.40 -12.43
C LEU B 66 15.22 7.36 -12.89
N CYS B 67 14.11 7.45 -12.15
CA CYS B 67 12.95 8.23 -12.58
C CYS B 67 12.70 9.48 -11.74
N SER B 68 13.71 9.99 -11.04
CA SER B 68 13.54 11.21 -10.25
C SER B 68 14.04 12.43 -11.02
N GLN B 69 13.45 13.59 -10.72
CA GLN B 69 13.86 14.82 -11.39
C GLN B 69 15.32 15.12 -11.12
N THR B 70 16.05 15.48 -12.18
CA THR B 70 17.46 15.77 -12.03
C THR B 70 17.63 17.04 -11.21
N LYS B 71 18.52 16.98 -10.23
CA LYS B 71 18.79 18.12 -9.36
C LYS B 71 20.29 18.26 -9.18
N LEU B 72 20.74 19.50 -9.02
CA LEU B 72 22.09 19.78 -8.54
C LEU B 72 22.07 19.80 -7.02
N VAL B 73 22.90 18.97 -6.41
CA VAL B 73 23.06 18.93 -4.96
C VAL B 73 24.39 19.59 -4.61
N ILE B 74 24.34 20.65 -3.79
CA ILE B 74 25.52 21.38 -3.34
C ILE B 74 25.70 21.16 -1.84
N TRP B 75 26.92 20.85 -1.43
CA TRP B 75 27.28 20.88 -0.01
C TRP B 75 28.13 22.11 0.28
N ILE B 76 27.86 22.77 1.40
CA ILE B 76 28.64 23.94 1.84
C ILE B 76 28.49 24.07 3.35
N ASN B 77 29.52 24.59 4.01
CA ASN B 77 29.53 24.63 5.46
C ASN B 77 28.45 25.56 6.00
N GLY B 78 28.05 25.31 7.25
CA GLY B 78 26.93 26.02 7.85
C GLY B 78 27.21 27.45 8.27
N ASP B 79 28.49 27.82 8.43
CA ASP B 79 28.83 29.21 8.70
C ASP B 79 28.75 30.08 7.45
N LYS B 80 28.63 29.48 6.26
CA LYS B 80 28.56 30.22 5.01
C LYS B 80 27.11 30.61 4.71
N GLY B 81 26.96 31.47 3.71
CA GLY B 81 25.66 31.94 3.31
C GLY B 81 24.97 30.98 2.36
N TYR B 82 24.56 29.82 2.90
CA TYR B 82 23.91 28.81 2.06
C TYR B 82 22.53 29.25 1.59
N ASN B 83 21.85 30.10 2.36
CA ASN B 83 20.56 30.61 1.90
C ASN B 83 20.73 31.59 0.74
N GLY B 84 21.77 32.43 0.80
CA GLY B 84 22.08 33.27 -0.34
C GLY B 84 22.52 32.49 -1.55
N LEU B 85 23.26 31.39 -1.33
CA LEU B 85 23.62 30.49 -2.43
C LEU B 85 22.39 29.82 -3.02
N ALA B 86 21.38 29.55 -2.19
CA ALA B 86 20.16 28.91 -2.66
C ALA B 86 19.27 29.86 -3.44
N GLU B 87 19.40 31.17 -3.21
CA GLU B 87 18.65 32.12 -4.03
C GLU B 87 19.18 32.16 -5.46
N VAL B 88 20.47 31.84 -5.66
CA VAL B 88 21.03 31.75 -7.00
C VAL B 88 20.54 30.49 -7.70
N GLY B 89 20.35 29.41 -6.94
CA GLY B 89 19.77 28.20 -7.51
C GLY B 89 18.35 28.41 -8.01
N LYS B 90 17.60 29.31 -7.36
CA LYS B 90 16.29 29.70 -7.87
C LYS B 90 16.40 30.34 -9.24
N LYS B 91 17.35 31.26 -9.43
CA LYS B 91 17.58 31.82 -10.75
C LYS B 91 18.06 30.77 -11.75
N PHE B 92 18.62 29.67 -11.25
CA PHE B 92 19.07 28.59 -12.13
C PHE B 92 17.92 27.64 -12.48
N GLU B 93 16.96 27.47 -11.58
CA GLU B 93 15.81 26.60 -11.85
C GLU B 93 14.85 27.26 -12.83
N LYS B 94 14.37 28.46 -12.49
CA LYS B 94 13.44 29.17 -13.36
C LYS B 94 14.01 29.43 -14.75
N ASP B 95 15.33 29.33 -14.92
CA ASP B 95 15.96 29.51 -16.22
C ASP B 95 16.23 28.20 -16.96
N THR B 96 16.41 27.08 -16.24
CA THR B 96 16.73 25.80 -16.87
C THR B 96 15.82 24.66 -16.47
N GLY B 97 15.03 24.79 -15.41
CA GLY B 97 14.16 23.72 -14.98
C GLY B 97 14.82 22.66 -14.14
N ILE B 98 15.95 22.95 -13.50
CA ILE B 98 16.63 22.02 -12.62
C ILE B 98 16.67 22.63 -11.24
N LYS B 99 16.14 21.92 -10.25
CA LYS B 99 16.08 22.42 -8.89
C LYS B 99 17.45 22.22 -8.22
N VAL B 100 18.03 23.31 -7.75
CA VAL B 100 19.29 23.26 -7.02
C VAL B 100 18.98 23.12 -5.53
N THR B 101 19.66 22.19 -4.86
CA THR B 101 19.37 21.83 -3.48
C THR B 101 20.62 22.06 -2.64
N VAL B 102 20.61 23.12 -1.82
CA VAL B 102 21.74 23.46 -0.97
C VAL B 102 21.60 22.76 0.37
N GLU B 103 22.65 22.10 0.83
CA GLU B 103 22.69 21.41 2.10
C GLU B 103 23.95 21.81 2.85
N HIS B 104 23.91 21.70 4.18
CA HIS B 104 25.05 22.02 5.02
C HIS B 104 25.23 20.94 6.08
N PRO B 105 25.52 19.71 5.65
CA PRO B 105 25.71 18.63 6.63
C PRO B 105 26.93 18.89 7.47
N ASP B 106 26.84 18.50 8.74
CA ASP B 106 27.95 18.73 9.65
C ASP B 106 29.15 17.89 9.25
N LYS B 107 30.35 18.45 9.41
CA LYS B 107 31.59 17.78 9.09
C LYS B 107 31.62 17.32 7.63
N LEU B 108 31.15 18.19 6.72
CA LEU B 108 31.08 17.80 5.32
C LEU B 108 32.44 17.57 4.69
N GLU B 109 33.51 18.02 5.33
CA GLU B 109 34.85 17.78 4.81
C GLU B 109 35.31 16.37 5.06
N GLU B 110 34.66 15.65 5.97
CA GLU B 110 34.93 14.24 6.22
C GLU B 110 33.90 13.32 5.58
N LYS B 111 32.62 13.70 5.60
CA LYS B 111 31.59 12.88 4.97
C LYS B 111 31.84 12.73 3.47
N PHE B 112 32.43 13.73 2.83
CA PHE B 112 32.56 13.68 1.38
C PHE B 112 33.43 12.52 0.90
N PRO B 113 34.65 12.31 1.40
CA PRO B 113 35.44 11.16 0.91
C PRO B 113 34.89 9.82 1.37
N GLN B 114 34.02 9.79 2.37
CA GLN B 114 33.38 8.56 2.78
C GLN B 114 32.25 8.14 1.85
N VAL B 115 31.63 9.07 1.14
CA VAL B 115 30.40 8.79 0.39
C VAL B 115 30.52 9.10 -1.09
N ALA B 116 31.60 9.71 -1.55
CA ALA B 116 31.63 10.17 -2.94
C ALA B 116 31.72 9.02 -3.93
N ALA B 117 32.36 7.91 -3.55
CA ALA B 117 32.53 6.79 -4.48
C ALA B 117 31.21 6.14 -4.85
N THR B 118 30.28 6.04 -3.90
CA THR B 118 28.92 5.67 -4.22
C THR B 118 28.12 6.92 -4.57
N GLY B 119 26.97 6.72 -5.21
CA GLY B 119 26.15 7.85 -5.57
C GLY B 119 25.48 8.52 -4.38
N ASP B 120 26.26 8.83 -3.35
CA ASP B 120 25.71 9.36 -2.10
C ASP B 120 26.25 10.76 -1.76
N GLY B 121 27.12 11.32 -2.60
CA GLY B 121 27.63 12.64 -2.39
C GLY B 121 26.95 13.66 -3.29
N PRO B 122 27.35 14.92 -3.15
CA PRO B 122 26.73 15.99 -3.94
C PRO B 122 27.38 16.10 -5.31
N ASP B 123 26.79 16.96 -6.14
CA ASP B 123 27.42 17.29 -7.41
C ASP B 123 28.52 18.32 -7.23
N ILE B 124 28.33 19.29 -6.33
CA ILE B 124 29.30 20.34 -6.04
C ILE B 124 29.53 20.41 -4.53
N ILE B 125 30.79 20.45 -4.13
CA ILE B 125 31.16 20.62 -2.73
C ILE B 125 31.93 21.93 -2.57
N PHE B 126 31.58 22.70 -1.54
CA PHE B 126 32.23 23.98 -1.25
C PHE B 126 33.15 23.82 -0.03
N TRP B 127 34.44 24.03 -0.21
CA TRP B 127 35.33 24.06 0.94
C TRP B 127 36.55 24.92 0.62
N ALA B 128 37.44 25.04 1.60
CA ALA B 128 38.74 25.69 1.42
C ALA B 128 39.69 24.75 0.69
N HIS B 129 40.49 25.32 -0.21
CA HIS B 129 41.29 24.52 -1.14
C HIS B 129 42.07 23.42 -0.45
N ASP B 130 42.45 23.62 0.83
CA ASP B 130 43.48 22.79 1.45
C ASP B 130 43.12 21.29 1.41
N ARG B 131 41.87 20.96 1.68
CA ARG B 131 41.44 19.56 1.71
C ARG B 131 41.14 18.99 0.33
N PHE B 132 41.14 19.83 -0.72
CA PHE B 132 40.92 19.35 -2.07
C PHE B 132 42.12 18.62 -2.64
N GLY B 133 43.25 18.62 -1.94
CA GLY B 133 44.38 17.80 -2.37
C GLY B 133 44.15 16.33 -2.07
N GLY B 134 43.60 16.04 -0.88
CA GLY B 134 43.26 14.66 -0.55
C GLY B 134 42.12 14.13 -1.38
N TYR B 135 41.22 15.01 -1.82
CA TYR B 135 40.14 14.59 -2.71
C TYR B 135 40.68 14.22 -4.09
N ALA B 136 41.64 14.98 -4.59
CA ALA B 136 42.10 14.74 -5.95
C ALA B 136 43.10 13.59 -6.02
N GLN B 137 43.88 13.40 -4.95
CA GLN B 137 44.73 12.21 -4.85
C GLN B 137 43.91 10.94 -5.04
N SER B 138 42.70 10.92 -4.50
CA SER B 138 41.84 9.76 -4.53
C SER B 138 40.88 9.76 -5.73
N GLY B 139 40.99 10.75 -6.61
CA GLY B 139 40.14 10.78 -7.79
C GLY B 139 38.69 11.10 -7.53
N LEU B 140 38.39 11.83 -6.46
CA LEU B 140 37.00 12.18 -6.15
C LEU B 140 36.53 13.47 -6.80
N LEU B 141 37.44 14.26 -7.39
CA LEU B 141 37.07 15.54 -7.96
C LEU B 141 37.33 15.54 -9.45
N ALA B 142 36.41 16.15 -10.20
CA ALA B 142 36.56 16.27 -11.64
C ALA B 142 37.59 17.35 -11.97
N GLU B 143 38.37 17.12 -13.02
CA GLU B 143 39.23 18.17 -13.54
C GLU B 143 38.36 19.20 -14.27
N ILE B 144 38.41 20.45 -13.81
CA ILE B 144 37.54 21.48 -14.38
C ILE B 144 38.18 22.05 -15.64
N THR B 145 37.32 22.46 -16.57
CA THR B 145 37.75 22.92 -17.90
C THR B 145 37.18 24.30 -18.20
N PRO B 146 37.65 25.33 -17.49
CA PRO B 146 37.25 26.70 -17.85
C PRO B 146 38.09 27.22 -18.99
N ALA B 147 37.51 28.16 -19.73
CA ALA B 147 38.27 28.79 -20.80
C ALA B 147 39.26 29.80 -20.22
N ALA B 148 40.31 30.10 -21.00
CA ALA B 148 41.34 31.02 -20.54
C ALA B 148 40.76 32.41 -20.28
N ALA B 149 39.82 32.84 -21.12
CA ALA B 149 39.15 34.13 -20.88
C ALA B 149 38.39 34.10 -19.57
N PHE B 150 37.87 32.94 -19.16
CA PHE B 150 37.21 32.85 -17.87
C PHE B 150 38.23 32.87 -16.73
N GLN B 151 39.35 32.17 -16.89
CA GLN B 151 40.41 32.23 -15.89
C GLN B 151 40.94 33.65 -15.71
N ASP B 152 40.92 34.46 -16.77
CA ASP B 152 41.38 35.84 -16.67
C ASP B 152 40.42 36.72 -15.87
N LYS B 153 39.25 36.20 -15.50
CA LYS B 153 38.31 36.95 -14.66
C LYS B 153 38.59 36.78 -13.17
N LEU B 154 39.42 35.82 -12.80
CA LEU B 154 39.72 35.52 -11.40
C LEU B 154 41.22 35.65 -11.17
N TYR B 155 41.59 36.19 -10.00
CA TYR B 155 42.99 36.47 -9.70
C TYR B 155 43.84 35.22 -9.94
N PRO B 156 45.00 35.36 -10.59
CA PRO B 156 45.77 34.17 -10.98
C PRO B 156 46.31 33.38 -9.79
N PHE B 157 46.55 34.02 -8.65
CA PHE B 157 47.04 33.28 -7.49
C PHE B 157 45.98 32.35 -6.94
N THR B 158 44.71 32.61 -7.25
CA THR B 158 43.63 31.76 -6.79
C THR B 158 43.53 30.49 -7.65
N TRP B 159 43.80 30.60 -8.94
CA TRP B 159 43.90 29.40 -9.76
C TRP B 159 45.06 28.52 -9.31
N ASP B 160 46.12 29.12 -8.78
CA ASP B 160 47.24 28.31 -8.28
C ASP B 160 46.81 27.46 -7.09
N ALA B 161 45.94 28.00 -6.24
CA ALA B 161 45.50 27.27 -5.05
C ALA B 161 44.68 26.03 -5.39
N VAL B 162 44.02 26.01 -6.55
CA VAL B 162 43.12 24.92 -6.91
C VAL B 162 43.76 24.06 -8.00
N ARG B 163 45.03 23.70 -7.83
CA ARG B 163 45.78 22.96 -8.83
C ARG B 163 46.47 21.79 -8.15
N TYR B 164 46.19 20.58 -8.61
CA TYR B 164 46.84 19.37 -8.14
C TYR B 164 47.41 18.64 -9.36
N ASN B 165 48.73 18.38 -9.34
CA ASN B 165 49.44 17.73 -10.44
C ASN B 165 49.19 18.47 -11.76
N GLY B 166 49.41 19.79 -11.74
CA GLY B 166 49.15 20.64 -12.88
C GLY B 166 47.72 20.72 -13.33
N LYS B 167 46.79 20.00 -12.69
CA LYS B 167 45.39 20.00 -13.11
C LYS B 167 44.56 20.88 -12.17
N LEU B 168 43.67 21.69 -12.77
CA LEU B 168 42.73 22.45 -11.96
C LEU B 168 41.64 21.51 -11.45
N ILE B 169 41.31 21.62 -10.16
CA ILE B 169 40.40 20.70 -9.49
C ILE B 169 39.21 21.40 -8.86
N ALA B 170 39.16 22.73 -8.90
CA ALA B 170 38.07 23.48 -8.26
C ALA B 170 37.94 24.85 -8.89
N TYR B 171 36.82 25.52 -8.60
CA TYR B 171 36.62 26.91 -8.97
C TYR B 171 36.84 27.79 -7.75
N PRO B 172 37.77 28.74 -7.77
CA PRO B 172 37.91 29.65 -6.61
C PRO B 172 36.73 30.60 -6.51
N ILE B 173 36.31 30.85 -5.28
CA ILE B 173 35.20 31.77 -4.99
C ILE B 173 35.68 32.98 -4.19
N ALA B 174 36.38 32.74 -3.08
CA ALA B 174 36.69 33.82 -2.14
C ALA B 174 37.98 33.51 -1.41
N VAL B 175 38.67 34.55 -0.97
CA VAL B 175 39.92 34.40 -0.24
C VAL B 175 39.63 34.64 1.24
N GLU B 176 39.72 33.58 2.05
CA GLU B 176 39.46 33.68 3.48
C GLU B 176 40.76 33.92 4.23
N ALA B 177 40.74 34.90 5.13
CA ALA B 177 41.87 35.14 6.01
C ALA B 177 41.34 35.69 7.32
N LEU B 178 41.91 35.23 8.43
CA LEU B 178 41.45 35.65 9.74
C LEU B 178 41.87 37.10 10.02
N SER B 179 41.09 37.78 10.85
CA SER B 179 41.40 39.16 11.23
C SER B 179 41.03 39.42 12.68
N LEU B 180 41.59 40.50 13.22
CA LEU B 180 41.28 40.98 14.54
C LEU B 180 40.00 41.81 14.46
N ILE B 181 38.99 41.40 15.21
CA ILE B 181 37.72 42.11 15.31
C ILE B 181 37.66 42.69 16.72
N TYR B 182 37.21 43.93 16.85
CA TYR B 182 37.27 44.55 18.17
C TYR B 182 36.06 45.46 18.37
N ASN B 183 35.55 45.46 19.59
CA ASN B 183 34.47 46.37 20.00
C ASN B 183 35.03 47.78 20.15
N LYS B 184 34.50 48.73 19.37
CA LYS B 184 35.01 50.10 19.38
C LYS B 184 34.64 50.89 20.63
N ASP B 185 33.68 50.43 21.42
CA ASP B 185 33.40 51.12 22.68
C ASP B 185 34.23 50.59 23.84
N LEU B 186 34.55 49.30 23.82
CA LEU B 186 35.41 48.73 24.86
C LEU B 186 36.88 49.02 24.59
N LEU B 187 37.26 49.21 23.32
CA LEU B 187 38.67 49.29 22.96
C LEU B 187 38.84 50.05 21.65
N PRO B 188 38.71 51.38 21.68
CA PRO B 188 38.74 52.14 20.42
C PRO B 188 40.08 52.06 19.67
N ASN B 189 41.20 51.91 20.39
CA ASN B 189 42.48 51.63 19.75
C ASN B 189 42.92 50.20 20.04
N PRO B 190 42.68 49.26 19.13
CA PRO B 190 43.08 47.87 19.40
C PRO B 190 44.60 47.77 19.49
N PRO B 191 45.11 46.85 20.29
CA PRO B 191 46.56 46.66 20.39
C PRO B 191 47.17 46.23 19.06
N LYS B 192 48.37 46.75 18.79
CA LYS B 192 49.12 46.44 17.58
C LYS B 192 50.10 45.29 17.77
N THR B 193 50.24 44.77 19.00
CA THR B 193 51.17 43.70 19.30
C THR B 193 50.48 42.72 20.24
N TRP B 194 50.80 41.43 20.04
CA TRP B 194 50.31 40.40 20.96
C TRP B 194 50.77 40.65 22.38
N GLU B 195 52.01 41.16 22.54
CA GLU B 195 52.67 41.22 23.84
C GLU B 195 51.97 42.14 24.83
N GLU B 196 51.08 43.02 24.37
CA GLU B 196 50.46 44.00 25.26
C GLU B 196 49.05 43.63 25.68
N ILE B 197 48.57 42.45 25.28
CA ILE B 197 47.22 41.96 25.58
C ILE B 197 47.08 41.54 27.04
N PRO B 198 48.09 40.89 27.68
CA PRO B 198 48.02 40.64 29.13
C PRO B 198 47.66 41.86 29.96
N ALA B 199 48.45 42.93 29.84
CA ALA B 199 48.14 44.17 30.55
C ALA B 199 46.76 44.70 30.19
N LEU B 200 46.34 44.50 28.95
CA LEU B 200 45.00 44.92 28.51
C LEU B 200 43.91 44.17 29.27
N ASP B 201 44.05 42.84 29.35
CA ASP B 201 43.02 42.04 30.01
C ASP B 201 42.87 42.42 31.48
N LYS B 202 43.97 42.86 32.11
CA LYS B 202 43.93 43.20 33.53
C LYS B 202 43.11 44.45 33.79
N GLU B 203 43.07 45.38 32.83
CA GLU B 203 42.27 46.60 32.98
C GLU B 203 40.79 46.36 32.69
N LEU B 204 40.48 45.57 31.65
CA LEU B 204 39.09 45.26 31.31
C LEU B 204 38.47 44.26 32.29
N LYS B 205 39.26 43.44 32.98
CA LYS B 205 38.72 42.62 34.04
C LYS B 205 38.16 43.47 35.18
N ALA B 206 38.70 44.68 35.35
CA ALA B 206 38.19 45.58 36.38
C ALA B 206 36.77 46.04 36.04
N LYS B 207 36.50 46.29 34.76
CA LYS B 207 35.14 46.63 34.32
C LYS B 207 34.26 45.40 34.16
N GLY B 208 34.74 44.23 34.55
CA GLY B 208 33.97 43.01 34.38
C GLY B 208 33.95 42.48 32.97
N LYS B 209 34.86 42.92 32.11
CA LYS B 209 35.00 42.44 30.75
C LYS B 209 36.27 41.59 30.64
N SER B 210 36.55 41.14 29.43
CA SER B 210 37.81 40.46 29.13
C SER B 210 38.35 41.01 27.83
N ALA B 211 39.63 40.76 27.58
CA ALA B 211 40.28 41.35 26.42
C ALA B 211 40.02 40.56 25.14
N LEU B 212 40.19 39.24 25.18
CA LEU B 212 40.26 38.48 23.93
C LEU B 212 39.70 37.09 24.14
N MET B 213 38.66 36.76 23.38
CA MET B 213 38.13 35.40 23.30
C MET B 213 38.02 35.01 21.84
N PHE B 214 38.63 33.89 21.47
CA PHE B 214 38.49 33.37 20.11
C PHE B 214 38.56 31.85 20.15
N ASN B 215 38.21 31.23 19.03
CA ASN B 215 38.11 29.78 18.92
C ASN B 215 39.46 29.10 19.13
N LEU B 216 39.60 28.39 20.25
CA LEU B 216 40.83 27.65 20.51
C LEU B 216 40.79 26.20 20.05
N GLN B 217 39.59 25.63 19.81
CA GLN B 217 39.50 24.22 19.45
C GLN B 217 39.89 23.96 18.01
N GLU B 218 39.42 24.77 17.08
CA GLU B 218 39.90 24.65 15.72
C GLU B 218 41.31 25.20 15.64
N PRO B 219 42.30 24.40 15.21
CA PRO B 219 43.68 24.91 15.12
C PRO B 219 43.86 26.04 14.13
N TYR B 220 42.97 26.14 13.14
CA TYR B 220 43.03 27.22 12.15
C TYR B 220 43.10 28.61 12.80
N PHE B 221 42.50 28.77 13.98
CA PHE B 221 42.48 30.07 14.66
C PHE B 221 43.73 30.36 15.48
N THR B 222 44.44 29.33 15.95
CA THR B 222 45.63 29.57 16.74
C THR B 222 46.88 29.69 15.88
N TRP B 223 46.87 29.06 14.72
CA TRP B 223 48.05 29.04 13.87
C TRP B 223 48.62 30.43 13.54
N PRO B 224 47.81 31.46 13.25
CA PRO B 224 48.41 32.78 13.00
C PRO B 224 49.42 33.19 14.06
N LEU B 225 49.14 32.86 15.31
CA LEU B 225 50.05 33.16 16.41
C LEU B 225 51.19 32.15 16.48
N ILE B 226 50.87 30.85 16.36
CA ILE B 226 51.89 29.81 16.51
C ILE B 226 52.96 29.93 15.42
N ALA B 227 52.60 30.50 14.28
CA ALA B 227 53.51 30.59 13.14
C ALA B 227 54.13 31.98 13.00
N ALA B 228 54.07 32.80 14.05
CA ALA B 228 54.43 34.21 13.95
C ALA B 228 55.91 34.39 13.60
N ASP B 229 56.79 33.72 14.32
CA ASP B 229 58.22 33.79 14.04
C ASP B 229 58.57 33.09 12.72
N ALA B 253 57.99 29.36 15.53
CA ALA B 253 57.01 28.31 15.83
C ALA B 253 56.96 28.02 17.33
N LYS B 254 58.12 27.69 17.91
CA LYS B 254 58.17 27.40 19.34
C LYS B 254 57.79 28.61 20.18
N ALA B 255 58.03 29.82 19.67
CA ALA B 255 57.78 31.02 20.46
C ALA B 255 56.29 31.36 20.51
N GLY B 256 55.58 31.22 19.39
CA GLY B 256 54.17 31.57 19.37
C GLY B 256 53.34 30.68 20.28
N LEU B 257 53.53 29.36 20.18
CA LEU B 257 52.78 28.44 21.02
C LEU B 257 52.97 28.75 22.50
N THR B 258 54.21 29.02 22.91
CA THR B 258 54.49 29.35 24.31
C THR B 258 53.67 30.54 24.78
N PHE B 259 53.67 31.63 24.01
CA PHE B 259 52.93 32.82 24.42
C PHE B 259 51.43 32.54 24.56
N LEU B 260 50.89 31.66 23.71
CA LEU B 260 49.46 31.36 23.80
C LEU B 260 49.16 30.53 25.05
N VAL B 261 50.03 29.57 25.36
CA VAL B 261 49.93 28.82 26.61
C VAL B 261 50.11 29.73 27.83
N ASP B 262 50.90 30.80 27.68
CA ASP B 262 51.05 31.75 28.80
C ASP B 262 49.78 32.55 29.03
N LEU B 263 49.04 32.86 27.96
CA LEU B 263 47.75 33.52 28.13
C LEU B 263 46.75 32.63 28.85
N ILE B 264 46.75 31.33 28.55
CA ILE B 264 45.83 30.41 29.25
C ILE B 264 46.30 30.16 30.67
N LYS B 265 47.62 30.01 30.88
CA LYS B 265 48.13 29.67 32.20
C LYS B 265 47.99 30.83 33.19
N ASN B 266 47.94 32.08 32.71
CA ASN B 266 47.76 33.23 33.58
C ASN B 266 46.31 33.68 33.65
N LYS B 267 45.36 32.79 33.29
CA LYS B 267 43.93 33.05 33.33
C LYS B 267 43.51 34.23 32.47
N HIS B 268 44.32 34.59 31.46
CA HIS B 268 43.89 35.60 30.50
C HIS B 268 42.91 35.06 29.47
N MET B 269 42.65 33.75 29.51
CA MET B 269 41.82 33.07 28.51
C MET B 269 41.54 31.67 29.02
N ASN B 270 40.51 31.04 28.43
CA ASN B 270 40.10 29.68 28.79
C ASN B 270 40.42 28.72 27.66
N ALA B 271 41.15 27.66 27.99
CA ALA B 271 41.57 26.69 26.98
C ALA B 271 40.43 25.96 26.30
N ASP B 272 39.21 26.02 26.86
CA ASP B 272 38.07 25.29 26.31
C ASP B 272 37.19 26.13 25.38
N THR B 273 37.47 27.42 25.25
CA THR B 273 36.65 28.29 24.41
C THR B 273 36.64 27.80 22.98
N ASP B 274 35.45 27.72 22.40
CA ASP B 274 35.29 27.33 21.01
C ASP B 274 34.69 28.49 20.22
N TYR B 275 34.25 28.19 18.99
CA TYR B 275 33.66 29.22 18.14
C TYR B 275 32.43 29.82 18.78
N SER B 276 31.51 28.97 19.22
CA SER B 276 30.19 29.40 19.69
C SER B 276 30.27 30.25 20.96
N ILE B 277 31.27 30.02 21.81
CA ILE B 277 31.37 30.75 23.06
C ILE B 277 32.03 32.11 22.82
N ALA B 278 33.10 32.14 22.03
CA ALA B 278 33.75 33.41 21.69
C ALA B 278 32.81 34.33 20.93
N GLU B 279 32.01 33.79 20.00
CA GLU B 279 31.09 34.65 19.27
C GLU B 279 29.98 35.17 20.19
N HIS B 280 29.53 34.36 21.15
CA HIS B 280 28.49 34.85 22.03
C HIS B 280 29.03 35.89 23.00
N ALA B 281 30.28 35.72 23.43
CA ALA B 281 30.89 36.73 24.30
C ALA B 281 31.00 38.06 23.57
N PHE B 282 31.48 38.05 22.33
CA PHE B 282 31.75 39.29 21.61
C PHE B 282 30.47 39.97 21.13
N ASN B 283 29.52 39.20 20.59
CA ASN B 283 28.31 39.84 20.11
C ASN B 283 27.42 40.35 21.24
N HIS B 284 27.71 39.97 22.49
CA HIS B 284 26.96 40.48 23.62
C HIS B 284 27.75 41.50 24.44
N GLY B 285 28.87 42.00 23.91
CA GLY B 285 29.63 43.06 24.55
C GLY B 285 30.37 42.66 25.80
N GLU B 286 30.76 41.38 25.94
CA GLU B 286 31.45 40.91 27.13
C GLU B 286 32.95 40.78 26.94
N THR B 287 33.44 40.85 25.71
CA THR B 287 34.87 40.78 25.45
C THR B 287 35.21 41.81 24.39
N ALA B 288 36.39 42.42 24.52
CA ALA B 288 36.73 43.56 23.67
C ALA B 288 37.10 43.16 22.26
N MET B 289 37.78 42.01 22.09
CA MET B 289 38.27 41.57 20.79
C MET B 289 37.97 40.11 20.56
N THR B 290 37.83 39.75 19.27
CA THR B 290 37.77 38.36 18.86
C THR B 290 38.68 38.19 17.64
N ILE B 291 38.89 36.94 17.24
CA ILE B 291 39.58 36.60 16.00
C ILE B 291 38.65 35.73 15.19
N ASN B 292 38.37 36.16 13.97
CA ASN B 292 37.37 35.45 13.18
C ASN B 292 37.37 35.97 11.75
N GLY B 293 36.71 35.20 10.87
CA GLY B 293 36.74 35.46 9.46
C GLY B 293 35.50 36.18 9.00
N PRO B 294 35.46 36.56 7.73
CA PRO B 294 34.36 37.42 7.26
C PRO B 294 32.97 36.84 7.45
N TRP B 295 32.79 35.51 7.40
CA TRP B 295 31.47 34.91 7.65
C TRP B 295 30.85 35.38 8.96
N ALA B 296 31.68 35.68 9.96
CA ALA B 296 31.19 36.10 11.27
C ALA B 296 30.60 37.51 11.29
N TRP B 297 30.94 38.37 10.30
CA TRP B 297 30.50 39.76 10.34
C TRP B 297 28.98 39.89 10.37
N SER B 298 28.26 38.88 9.88
CA SER B 298 26.83 39.01 9.68
C SER B 298 26.07 39.08 10.99
N ASN B 299 26.41 38.22 11.95
CA ASN B 299 25.72 38.26 13.23
C ASN B 299 26.15 39.46 14.07
N ILE B 300 27.32 40.05 13.80
CA ILE B 300 27.69 41.25 14.53
C ILE B 300 26.93 42.45 14.00
N ASP B 301 26.62 42.48 12.70
CA ASP B 301 25.86 43.59 12.13
C ASP B 301 24.45 43.72 12.69
N THR B 302 23.96 42.71 13.41
CA THR B 302 22.64 42.77 14.02
C THR B 302 22.68 42.91 15.52
N SER B 303 23.86 42.97 16.13
CA SER B 303 23.99 43.14 17.57
C SER B 303 24.06 44.62 17.92
N ALA B 304 24.40 44.89 19.19
CA ALA B 304 24.58 46.23 19.72
C ALA B 304 26.06 46.60 19.84
N VAL B 305 26.93 45.91 19.13
CA VAL B 305 28.37 46.15 19.18
C VAL B 305 28.77 46.91 17.92
N ASN B 306 29.39 48.07 18.10
CA ASN B 306 30.04 48.78 16.99
C ASN B 306 31.45 48.22 16.89
N TYR B 307 31.74 47.52 15.81
CA TYR B 307 32.96 46.73 15.75
C TYR B 307 33.85 47.20 14.60
N GLY B 308 35.15 47.05 14.79
CA GLY B 308 36.08 47.23 13.69
C GLY B 308 36.67 45.89 13.28
N VAL B 309 37.28 45.87 12.11
CA VAL B 309 38.03 44.72 11.65
C VAL B 309 39.38 45.23 11.22
N THR B 310 40.44 44.69 11.81
CA THR B 310 41.77 45.26 11.59
C THR B 310 42.81 44.16 11.48
N VAL B 311 44.06 44.59 11.32
CA VAL B 311 45.20 43.68 11.17
C VAL B 311 45.42 42.92 12.47
N LEU B 312 45.80 41.65 12.35
CA LEU B 312 46.12 40.87 13.53
C LEU B 312 47.33 41.49 14.23
N PRO B 313 47.44 41.34 15.54
CA PRO B 313 48.61 41.90 16.25
C PRO B 313 49.91 41.29 15.76
N THR B 314 50.99 42.04 15.90
CA THR B 314 52.31 41.49 15.62
C THR B 314 52.82 40.73 16.85
N PHE B 315 53.88 39.95 16.64
CA PHE B 315 54.49 39.16 17.70
C PHE B 315 55.99 39.23 17.53
N LYS B 316 56.70 39.67 18.59
CA LYS B 316 58.14 39.90 18.53
C LYS B 316 58.53 40.79 17.34
N GLY B 317 57.63 41.69 16.94
CA GLY B 317 57.88 42.61 15.86
C GLY B 317 57.37 42.17 14.49
N GLN B 318 57.13 40.89 14.30
CA GLN B 318 56.77 40.47 12.95
C GLN B 318 55.27 40.18 12.84
N PRO B 319 54.70 40.36 11.65
CA PRO B 319 53.26 40.08 11.48
C PRO B 319 52.92 38.66 11.91
N SER B 320 51.77 38.51 12.55
CA SER B 320 51.27 37.17 12.80
C SER B 320 50.72 36.61 11.49
N LYS B 321 51.07 35.36 11.19
CA LYS B 321 50.98 34.82 9.84
C LYS B 321 49.82 33.83 9.72
N PRO B 322 48.63 34.28 9.34
CA PRO B 322 47.50 33.36 9.25
C PRO B 322 47.54 32.55 7.96
N PHE B 323 46.94 31.37 8.03
CA PHE B 323 46.71 30.60 6.82
C PHE B 323 45.58 31.23 6.01
N VAL B 324 45.67 31.05 4.70
CA VAL B 324 44.72 31.65 3.77
C VAL B 324 44.10 30.50 2.98
N GLY B 325 42.80 30.31 3.19
CA GLY B 325 42.05 29.35 2.40
C GLY B 325 41.31 30.06 1.29
N VAL B 326 41.46 29.54 0.08
CA VAL B 326 40.63 29.93 -1.04
C VAL B 326 39.41 29.01 -1.01
N LEU B 327 38.29 29.53 -0.51
CA LEU B 327 37.03 28.80 -0.58
C LEU B 327 36.73 28.45 -2.02
N SER B 328 36.54 27.16 -2.29
CA SER B 328 36.44 26.66 -3.65
C SER B 328 35.23 25.76 -3.81
N ALA B 329 34.84 25.56 -5.07
CA ALA B 329 33.71 24.72 -5.45
C ALA B 329 34.24 23.59 -6.32
N GLY B 330 34.30 22.39 -5.76
CA GLY B 330 34.79 21.22 -6.50
C GLY B 330 33.65 20.37 -7.01
N ILE B 331 33.84 19.81 -8.21
CA ILE B 331 32.81 19.01 -8.88
C ILE B 331 33.12 17.54 -8.66
N ASN B 332 32.23 16.86 -7.95
CA ASN B 332 32.30 15.43 -7.71
C ASN B 332 32.61 14.66 -9.00
N ALA B 333 33.74 13.95 -8.99
CA ALA B 333 34.10 13.15 -10.15
C ALA B 333 33.12 12.02 -10.41
N ALA B 334 32.18 11.77 -9.47
CA ALA B 334 31.09 10.82 -9.62
C ALA B 334 29.77 11.52 -9.92
N SER B 335 29.81 12.71 -10.51
CA SER B 335 28.51 13.34 -10.68
C SER B 335 27.95 13.04 -12.05
N PRO B 336 26.65 12.73 -12.14
CA PRO B 336 26.02 12.53 -13.46
C PRO B 336 25.82 13.81 -14.25
N ASN B 337 26.08 14.98 -13.67
CA ASN B 337 25.74 16.26 -14.30
C ASN B 337 26.90 17.24 -14.22
N LYS B 338 28.10 16.78 -14.58
CA LYS B 338 29.28 17.65 -14.55
C LYS B 338 29.09 18.90 -15.41
N GLU B 339 28.48 18.74 -16.59
CA GLU B 339 28.27 19.88 -17.47
C GLU B 339 27.37 20.93 -16.82
N LEU B 340 26.30 20.49 -16.17
CA LEU B 340 25.40 21.44 -15.52
C LEU B 340 26.05 22.10 -14.31
N ALA B 341 26.95 21.40 -13.63
CA ALA B 341 27.64 22.02 -12.50
C ALA B 341 28.67 23.04 -12.96
N LYS B 342 29.32 22.81 -14.10
CA LYS B 342 30.17 23.85 -14.67
C LYS B 342 29.34 25.07 -15.05
N GLU B 343 28.18 24.83 -15.68
CA GLU B 343 27.34 25.95 -16.12
C GLU B 343 26.82 26.75 -14.94
N PHE B 344 26.45 26.09 -13.84
CA PHE B 344 25.93 26.80 -12.68
C PHE B 344 27.00 27.66 -12.03
N LEU B 345 28.24 27.17 -12.01
CA LEU B 345 29.33 27.85 -11.31
C LEU B 345 30.01 28.91 -12.18
N GLU B 346 30.04 28.72 -13.50
CA GLU B 346 30.59 29.75 -14.38
C GLU B 346 29.59 30.85 -14.72
N ASN B 347 28.33 30.50 -14.99
CA ASN B 347 27.38 31.45 -15.55
C ASN B 347 26.41 32.02 -14.54
N TYR B 348 26.40 31.54 -13.30
CA TYR B 348 25.43 32.04 -12.34
C TYR B 348 26.08 32.49 -11.03
N LEU B 349 26.89 31.63 -10.42
CA LEU B 349 27.46 31.98 -9.12
C LEU B 349 28.60 32.97 -9.26
N LEU B 350 29.57 32.67 -10.13
CA LEU B 350 30.76 33.49 -10.30
C LEU B 350 30.46 34.67 -11.23
N THR B 351 29.44 35.45 -10.85
CA THR B 351 29.10 36.72 -11.50
C THR B 351 28.84 37.77 -10.42
N ASP B 352 28.74 39.02 -10.86
CA ASP B 352 28.45 40.11 -9.92
C ASP B 352 27.15 39.86 -9.18
N GLU B 353 26.07 39.57 -9.93
CA GLU B 353 24.78 39.29 -9.30
C GLU B 353 24.83 38.01 -8.47
N GLY B 354 25.68 37.07 -8.85
CA GLY B 354 25.78 35.82 -8.13
C GLY B 354 26.47 35.94 -6.79
N LEU B 355 27.72 36.40 -6.79
CA LEU B 355 28.44 36.52 -5.52
C LEU B 355 27.80 37.54 -4.60
N GLU B 356 27.13 38.57 -5.16
CA GLU B 356 26.48 39.56 -4.29
C GLU B 356 25.30 38.95 -3.55
N ALA B 357 24.67 37.92 -4.11
CA ALA B 357 23.57 37.25 -3.43
C ALA B 357 24.05 36.37 -2.29
N VAL B 358 25.21 35.73 -2.46
CA VAL B 358 25.84 35.01 -1.36
C VAL B 358 26.39 35.98 -0.33
N ASN B 359 27.01 37.06 -0.80
CA ASN B 359 27.63 38.02 0.10
C ASN B 359 26.63 38.74 0.99
N LYS B 360 25.37 38.84 0.56
CA LYS B 360 24.38 39.51 1.40
C LYS B 360 23.94 38.61 2.55
N ASP B 361 23.86 37.31 2.32
CA ASP B 361 23.53 36.37 3.39
C ASP B 361 24.60 36.38 4.46
N LYS B 362 25.77 35.83 4.13
CA LYS B 362 26.95 35.88 4.96
C LYS B 362 28.09 36.39 4.09
N PRO B 363 28.87 37.38 4.55
CA PRO B 363 29.90 37.97 3.69
C PRO B 363 31.01 36.98 3.37
N LEU B 364 31.50 37.08 2.14
CA LEU B 364 32.62 36.29 1.68
C LEU B 364 33.96 36.93 1.99
N GLY B 365 33.98 38.23 2.25
CA GLY B 365 35.22 38.96 2.42
C GLY B 365 35.82 39.29 1.07
N ALA B 366 37.02 38.80 0.80
CA ALA B 366 37.66 38.97 -0.50
C ALA B 366 37.25 37.83 -1.43
N VAL B 367 36.74 38.19 -2.60
CA VAL B 367 36.29 37.21 -3.58
C VAL B 367 37.37 37.06 -4.66
N ALA B 368 37.37 35.89 -5.29
CA ALA B 368 38.33 35.59 -6.35
C ALA B 368 37.99 36.29 -7.65
N LEU B 369 36.71 36.62 -7.87
CA LEU B 369 36.26 37.27 -9.10
C LEU B 369 36.81 38.70 -9.15
N LYS B 370 37.61 39.00 -10.18
CA LYS B 370 38.35 40.26 -10.19
C LYS B 370 37.43 41.46 -10.29
N SER B 371 36.28 41.33 -10.95
CA SER B 371 35.40 42.49 -11.11
C SER B 371 34.68 42.82 -9.81
N TYR B 372 34.12 41.80 -9.15
CA TYR B 372 33.42 42.05 -7.89
C TYR B 372 34.36 42.50 -6.79
N GLU B 373 35.64 42.16 -6.87
CA GLU B 373 36.58 42.49 -5.82
C GLU B 373 36.98 43.97 -5.85
N GLU B 374 36.96 44.60 -7.02
CA GLU B 374 37.24 46.03 -7.09
C GLU B 374 36.13 46.85 -6.45
N GLU B 375 34.94 46.28 -6.28
CA GLU B 375 33.86 46.94 -5.57
C GLU B 375 33.89 46.66 -4.07
N LEU B 376 34.16 45.40 -3.69
CA LEU B 376 34.18 45.03 -2.27
C LEU B 376 35.36 45.65 -1.54
N VAL B 377 36.49 45.84 -2.22
CA VAL B 377 37.70 46.29 -1.54
C VAL B 377 37.55 47.71 -1.00
N LYS B 378 36.56 48.46 -1.48
CA LYS B 378 36.21 49.74 -0.87
C LYS B 378 35.65 49.58 0.54
N ASP B 379 35.27 48.37 0.93
CA ASP B 379 34.85 48.09 2.30
C ASP B 379 36.09 47.93 3.18
N PRO B 380 36.26 48.76 4.22
CA PRO B 380 37.44 48.63 5.08
C PRO B 380 37.65 47.23 5.65
N ARG B 381 36.58 46.51 6.00
CA ARG B 381 36.77 45.19 6.58
C ARG B 381 37.37 44.22 5.57
N VAL B 382 36.92 44.28 4.31
CA VAL B 382 37.52 43.44 3.28
C VAL B 382 38.95 43.89 3.02
N ALA B 383 39.16 45.20 3.03
CA ALA B 383 40.52 45.74 2.93
C ALA B 383 41.43 45.17 4.01
N ALA B 384 40.91 45.04 5.24
CA ALA B 384 41.67 44.41 6.32
C ALA B 384 41.85 42.92 6.08
N THR B 385 40.84 42.25 5.52
CA THR B 385 41.02 40.85 5.18
C THR B 385 42.14 40.70 4.16
N MET B 386 42.16 41.56 3.13
CA MET B 386 43.24 41.50 2.14
C MET B 386 44.60 41.83 2.75
N GLU B 387 44.63 42.76 3.70
CA GLU B 387 45.90 43.07 4.35
C GLU B 387 46.41 41.87 5.14
N ASN B 388 45.55 41.25 5.95
CA ASN B 388 45.96 40.05 6.68
C ASN B 388 46.37 38.91 5.74
N ALA B 389 45.72 38.80 4.58
CA ALA B 389 46.03 37.67 3.69
C ALA B 389 47.45 37.77 3.16
N GLN B 390 47.92 38.98 2.87
CA GLN B 390 49.25 39.17 2.32
C GLN B 390 50.36 38.99 3.35
N LYS B 391 50.04 39.17 4.63
CA LYS B 391 51.03 38.95 5.69
C LYS B 391 51.13 37.48 6.10
N GLY B 392 50.20 36.65 5.65
CA GLY B 392 50.24 35.21 5.88
C GLY B 392 50.65 34.46 4.63
N GLU B 393 50.15 33.22 4.47
CA GLU B 393 50.44 32.50 3.24
C GLU B 393 49.40 31.45 2.95
N ILE B 394 49.28 31.13 1.67
CA ILE B 394 48.27 30.19 1.19
C ILE B 394 48.55 28.80 1.73
N MET B 395 47.51 28.13 2.22
CA MET B 395 47.60 26.76 2.73
C MET B 395 48.22 25.83 1.69
N PRO B 396 48.97 24.82 2.12
CA PRO B 396 49.25 23.67 1.24
C PRO B 396 48.00 22.82 1.05
N ASN B 397 48.06 21.94 0.06
CA ASN B 397 46.95 21.01 -0.20
C ASN B 397 47.44 19.57 -0.33
N ILE B 398 48.57 19.26 0.30
CA ILE B 398 49.08 17.89 0.34
C ILE B 398 48.01 16.99 0.96
N PRO B 399 47.98 15.69 0.62
CA PRO B 399 46.95 14.82 1.22
C PRO B 399 47.09 14.66 2.71
N GLN B 400 48.30 14.79 3.25
CA GLN B 400 48.49 14.69 4.70
C GLN B 400 47.91 15.87 5.46
N MET B 401 47.33 16.87 4.79
CA MET B 401 46.84 18.06 5.49
C MET B 401 45.83 17.71 6.56
N SER B 402 45.05 16.65 6.35
CA SER B 402 44.10 16.22 7.37
C SER B 402 44.81 15.85 8.67
N ALA B 403 46.01 15.29 8.57
CA ALA B 403 46.76 14.83 9.73
C ALA B 403 47.58 15.93 10.36
N PHE B 404 48.15 16.85 9.56
CA PHE B 404 48.77 18.05 10.10
C PHE B 404 47.79 18.85 10.95
N TRP B 405 46.57 19.04 10.45
CA TRP B 405 45.60 19.80 11.24
C TRP B 405 45.21 19.05 12.51
N TYR B 406 45.21 17.71 12.46
CA TYR B 406 45.05 16.94 13.69
C TYR B 406 46.22 17.17 14.63
N ALA B 407 47.41 17.43 14.06
CA ALA B 407 48.60 17.61 14.87
C ALA B 407 48.56 18.95 15.62
N VAL B 408 48.20 20.02 14.94
CA VAL B 408 48.09 21.31 15.61
C VAL B 408 46.95 21.29 16.61
N ARG B 409 45.89 20.53 16.33
CA ARG B 409 44.77 20.46 17.25
C ARG B 409 45.13 19.71 18.54
N THR B 410 46.03 18.73 18.45
CA THR B 410 46.46 17.94 19.60
C THR B 410 47.59 18.59 20.38
N ALA B 411 48.45 19.36 19.71
CA ALA B 411 49.54 20.04 20.40
C ALA B 411 49.00 21.17 21.28
N VAL B 412 48.11 21.99 20.73
CA VAL B 412 47.49 23.06 21.52
C VAL B 412 46.71 22.48 22.68
N ILE B 413 45.91 21.44 22.41
CA ILE B 413 45.02 20.88 23.44
C ILE B 413 45.84 20.39 24.64
N ASN B 414 46.76 19.46 24.40
CA ASN B 414 47.54 18.94 25.52
C ASN B 414 48.54 19.94 26.09
N ALA B 415 48.66 21.13 25.50
CA ALA B 415 49.54 22.14 26.07
C ALA B 415 48.95 22.73 27.35
N ALA B 416 47.63 22.84 27.43
CA ALA B 416 46.98 23.35 28.63
C ALA B 416 46.69 22.22 29.62
C1 GLC C . -37.33 -28.57 1.84
C2 GLC C . -37.76 -28.56 0.39
C3 GLC C . -38.65 -27.36 0.07
C4 GLC C . -39.63 -27.07 1.20
C5 GLC C . -38.88 -26.90 2.52
C6 GLC C . -39.50 -27.64 3.69
O1 GLC C . -35.94 -28.80 1.80
O2 GLC C . -36.56 -28.44 -0.35
O3 GLC C . -39.34 -27.61 -1.13
O4 GLC C . -40.27 -25.85 0.92
O5 GLC C . -37.53 -27.29 2.39
O6 GLC C . -38.88 -27.23 4.89
C1 GLC C . -41.56 -25.84 0.36
C2 GLC C . -41.68 -24.61 -0.53
C3 GLC C . -41.23 -23.39 0.27
C4 GLC C . -42.05 -23.27 1.56
C5 GLC C . -42.14 -24.63 2.28
C6 GLC C . -43.14 -24.60 3.41
O2 GLC C . -40.88 -24.76 -1.68
O3 GLC C . -41.39 -22.24 -0.52
O4 GLC C . -41.49 -22.28 2.41
O5 GLC C . -42.51 -25.67 1.39
O6 GLC C . -42.42 -24.65 4.62
C1 GLC D . 36.19 28.00 8.55
C2 GLC D . 36.99 28.17 7.28
C3 GLC D . 37.90 26.99 7.01
C4 GLC D . 38.58 26.53 8.31
C5 GLC D . 37.52 26.20 9.36
C6 GLC D . 37.86 26.71 10.75
O1 GLC D . 34.85 28.27 8.23
O2 GLC D . 36.08 28.32 6.20
O3 GLC D . 38.86 27.36 6.05
O4 GLC D . 39.27 25.32 8.08
O5 GLC D . 36.25 26.67 8.98
O6 GLC D . 37.01 26.03 11.64
C1 GLC D . 40.66 25.30 7.87
C2 GLC D . 40.93 24.25 6.82
C3 GLC D . 40.41 22.89 7.28
C4 GLC D . 40.88 22.53 8.70
C5 GLC D . 40.72 23.74 9.64
C6 GLC D . 41.37 23.53 11.01
O2 GLC D . 40.25 24.61 5.64
O3 GLC D . 40.83 21.92 6.35
O4 GLC D . 40.14 21.42 9.17
O5 GLC D . 41.30 24.89 9.05
O6 GLC D . 40.39 23.16 11.95
#